data_4DPX
#
_entry.id   4DPX
#
_cell.length_a   82.922
_cell.length_b   102.273
_cell.length_c   155.942
_cell.angle_alpha   90.000
_cell.angle_beta   90.000
_cell.angle_gamma   90.000
#
_symmetry.space_group_name_H-M   'C 2 2 21'
#
loop_
_entity.id
_entity.type
_entity.pdbx_description
1 polymer 'Mevalonate diphosphate decarboxylase'
2 non-polymer GLYCEROL
3 non-polymer 'FORMIC ACID'
4 water water
#
_entity_poly.entity_id   1
_entity_poly.type   'polypeptide(L)'
_entity_poly.pdbx_seq_one_letter_code
;GSTGSMVKSGKARAHTNIALIKYWGKADETYIIPMNNSLSVTLDRFYTETKVTFDPDFTEDCLILNGNEVNAKEKEKIQN
YMNIVRDLAGNRLHARIESENYVPTAAGLASSASAYAALAAACNEALSLNLSDTDLSRLARRGSGSASRSIFGGFAEWEK
GHDDLTSYAHGINSNGWEKDLSMIFVVINNQSKKVSARSGMSLTRDTSRFYQYWLDHVDEDLNEAKEAVKNQDFQRLGEV
IEANGLRMHATNLGAQPPFTYLVQESYDAMAIVEQCRKANLPCYFTMDAGPNVKVLVEKKNKQAVMEQFLKVFDESKIIA
SDIISSGVEIIK
;
_entity_poly.pdbx_strand_id   A,B
#
# COMPACT_ATOMS: atom_id res chain seq x y z
N THR A 3 -18.92 11.51 -23.59
CA THR A 3 -18.29 12.74 -23.15
C THR A 3 -18.96 13.97 -23.78
N GLY A 4 -18.69 15.12 -23.20
CA GLY A 4 -19.27 16.37 -23.67
C GLY A 4 -18.83 16.76 -25.08
N SER A 5 -19.68 17.51 -25.77
CA SER A 5 -19.39 17.97 -27.13
C SER A 5 -17.97 18.52 -27.36
N MET A 6 -17.54 19.48 -26.55
CA MET A 6 -16.20 20.06 -26.78
C MET A 6 -15.17 19.60 -25.75
N VAL A 7 -15.47 18.47 -25.11
CA VAL A 7 -14.62 17.92 -24.09
C VAL A 7 -13.64 16.91 -24.69
N LYS A 8 -12.36 17.07 -24.36
CA LYS A 8 -11.34 16.18 -24.91
C LYS A 8 -10.72 15.37 -23.76
N SER A 9 -10.86 14.06 -23.82
CA SER A 9 -10.30 13.24 -22.76
C SER A 9 -9.41 12.15 -23.32
N GLY A 10 -8.55 11.60 -22.46
CA GLY A 10 -7.72 10.47 -22.84
C GLY A 10 -7.28 9.78 -21.57
N LYS A 11 -7.02 8.48 -21.65
CA LYS A 11 -6.64 7.75 -20.46
C LYS A 11 -5.54 6.78 -20.85
N ALA A 12 -4.50 6.72 -20.01
CA ALA A 12 -3.36 5.88 -20.32
C ALA A 12 -2.94 5.05 -19.12
N ARG A 13 -2.35 3.90 -19.42
CA ARG A 13 -1.76 3.05 -18.39
C ARG A 13 -0.27 2.96 -18.67
N ALA A 14 0.54 3.38 -17.70
CA ALA A 14 1.99 3.26 -17.81
C ALA A 14 2.57 2.49 -16.61
N HIS A 15 3.59 1.70 -16.87
CA HIS A 15 4.16 0.81 -15.85
C HIS A 15 5.41 1.40 -15.20
N THR A 16 5.68 0.97 -13.97
CA THR A 16 6.87 1.47 -13.28
C THR A 16 8.10 0.86 -13.94
N ASN A 17 9.26 1.40 -13.62
CA ASN A 17 10.50 0.78 -14.06
C ASN A 17 11.55 0.85 -12.95
N ILE A 18 12.53 -0.03 -13.01
CA ILE A 18 13.62 0.00 -12.05
C ILE A 18 14.93 0.11 -12.80
N ALA A 19 15.75 1.09 -12.41
CA ALA A 19 17.03 1.37 -13.04
C ALA A 19 18.05 0.32 -12.65
N LEU A 20 18.64 -0.31 -13.66
CA LEU A 20 19.72 -1.27 -13.44
C LEU A 20 21.08 -0.58 -13.48
N ILE A 21 21.22 0.35 -14.44
CA ILE A 21 22.28 1.34 -14.38
C ILE A 21 21.64 2.67 -13.96
N LYS A 22 22.10 3.21 -12.82
CA LYS A 22 21.37 4.29 -12.13
C LYS A 22 21.39 5.68 -12.79
N TYR A 23 20.23 6.33 -12.72
CA TYR A 23 20.11 7.79 -12.88
C TYR A 23 20.39 8.35 -11.49
N TRP A 24 21.44 9.14 -11.33
CA TRP A 24 21.75 9.72 -10.03
C TRP A 24 22.55 11.00 -10.22
N GLY A 25 21.85 12.13 -10.16
CA GLY A 25 22.46 13.42 -10.34
C GLY A 25 22.07 14.08 -11.67
N LYS A 26 21.71 15.35 -11.59
CA LYS A 26 21.27 16.12 -12.75
C LYS A 26 22.32 17.13 -13.20
N ALA A 27 22.49 17.21 -14.51
CA ALA A 27 23.17 18.36 -15.12
C ALA A 27 22.29 19.61 -15.02
N ASP A 28 20.98 19.47 -15.20
CA ASP A 28 20.08 20.62 -15.17
C ASP A 28 18.86 20.31 -14.32
N GLU A 29 18.67 21.06 -13.24
CA GLU A 29 17.61 20.80 -12.29
C GLU A 29 16.24 21.21 -12.84
N THR A 30 16.19 22.28 -13.62
CA THR A 30 14.91 22.76 -14.14
C THR A 30 14.31 21.87 -15.25
N TYR A 31 15.12 21.46 -16.22
CA TYR A 31 14.62 20.64 -17.33
C TYR A 31 14.76 19.13 -17.09
N ILE A 32 15.36 18.79 -15.95
CA ILE A 32 15.64 17.39 -15.63
C ILE A 32 16.54 16.76 -16.71
N ILE A 33 17.78 17.24 -16.76
CA ILE A 33 18.79 16.65 -17.63
C ILE A 33 19.79 15.94 -16.73
N PRO A 34 20.07 14.66 -17.01
CA PRO A 34 20.87 13.86 -16.06
C PRO A 34 22.37 13.96 -16.35
N MET A 35 23.20 13.64 -15.36
CA MET A 35 24.64 13.65 -15.52
C MET A 35 25.14 12.45 -16.32
N ASN A 36 24.32 11.42 -16.42
CA ASN A 36 24.70 10.22 -17.17
C ASN A 36 23.49 9.47 -17.72
N ASN A 37 23.73 8.61 -18.68
CA ASN A 37 22.69 7.71 -19.22
C ASN A 37 22.27 6.69 -18.16
N SER A 38 21.03 6.19 -18.27
CA SER A 38 20.54 5.15 -17.37
C SER A 38 19.84 4.07 -18.16
N LEU A 39 19.76 2.88 -17.57
CA LEU A 39 19.17 1.72 -18.23
C LEU A 39 18.22 1.03 -17.25
N SER A 40 17.00 0.73 -17.67
CA SER A 40 16.03 0.17 -16.75
C SER A 40 15.22 -0.96 -17.38
N VAL A 41 14.48 -1.68 -16.54
CA VAL A 41 13.48 -2.61 -17.02
C VAL A 41 12.10 -2.20 -16.51
N THR A 42 11.09 -2.41 -17.33
CA THR A 42 9.71 -1.98 -17.04
C THR A 42 8.91 -3.15 -16.46
N LEU A 43 8.33 -2.94 -15.28
CA LEU A 43 7.66 -4.01 -14.54
C LEU A 43 6.21 -4.21 -14.91
N ASP A 44 5.86 -5.47 -15.11
CA ASP A 44 4.49 -5.84 -15.46
C ASP A 44 3.46 -5.64 -14.33
N ARG A 45 3.88 -5.77 -13.08
CA ARG A 45 2.91 -5.84 -11.99
C ARG A 45 2.43 -4.49 -11.49
N PHE A 46 3.24 -3.45 -11.67
CA PHE A 46 3.01 -2.17 -11.03
C PHE A 46 2.80 -1.09 -12.08
N TYR A 47 1.78 -0.26 -11.91
CA TYR A 47 1.44 0.72 -12.95
C TYR A 47 0.52 1.80 -12.42
N THR A 48 0.41 2.88 -13.20
CA THR A 48 -0.48 3.98 -12.89
C THR A 48 -1.47 4.13 -14.04
N GLU A 49 -2.75 4.34 -13.72
CA GLU A 49 -3.73 4.67 -14.74
C GLU A 49 -4.14 6.10 -14.55
N THR A 50 -4.09 6.91 -15.61
CA THR A 50 -4.41 8.32 -15.50
C THR A 50 -5.32 8.77 -16.61
N LYS A 51 -6.44 9.39 -16.22
CA LYS A 51 -7.37 9.98 -17.16
C LYS A 51 -7.28 11.48 -17.04
N VAL A 52 -7.29 12.15 -18.20
CA VAL A 52 -7.25 13.59 -18.24
CA VAL A 52 -7.25 13.59 -18.25
C VAL A 52 -8.43 14.05 -19.10
N THR A 53 -9.10 15.08 -18.64
CA THR A 53 -10.31 15.56 -19.32
C THR A 53 -10.19 17.06 -19.46
N PHE A 54 -10.02 17.53 -20.69
CA PHE A 54 -9.91 18.95 -20.95
C PHE A 54 -11.30 19.49 -21.30
N ASP A 55 -11.70 20.52 -20.58
CA ASP A 55 -13.01 21.18 -20.79
C ASP A 55 -12.81 22.69 -20.70
N PRO A 56 -13.25 23.42 -21.75
CA PRO A 56 -13.09 24.88 -21.84
C PRO A 56 -13.66 25.61 -20.63
N ASP A 57 -14.59 24.96 -19.92
CA ASP A 57 -15.24 25.57 -18.77
C ASP A 57 -14.40 25.51 -17.50
N PHE A 58 -13.38 24.65 -17.50
CA PHE A 58 -12.49 24.55 -16.34
C PHE A 58 -11.57 25.76 -16.26
N THR A 59 -11.39 26.30 -15.06
CA THR A 59 -10.58 27.50 -14.86
C THR A 59 -9.23 27.22 -14.22
N GLU A 60 -9.03 25.98 -13.80
CA GLU A 60 -7.73 25.53 -13.29
C GLU A 60 -7.70 24.01 -13.32
N ASP A 61 -6.50 23.45 -13.25
CA ASP A 61 -6.35 22.00 -13.24
C ASP A 61 -6.61 21.43 -11.86
N CYS A 62 -7.24 20.27 -11.84
CA CYS A 62 -7.61 19.58 -10.61
C CYS A 62 -7.07 18.14 -10.69
N LEU A 63 -6.40 17.69 -9.65
CA LEU A 63 -5.88 16.33 -9.62
C LEU A 63 -6.57 15.55 -8.50
N ILE A 64 -7.24 14.45 -8.87
CA ILE A 64 -7.82 13.53 -7.91
C ILE A 64 -7.02 12.24 -7.96
N LEU A 65 -6.36 11.91 -6.85
CA LEU A 65 -5.48 10.74 -6.81
C LEU A 65 -6.03 9.63 -5.91
N ASN A 66 -6.25 8.45 -6.48
CA ASN A 66 -6.86 7.33 -5.75
C ASN A 66 -8.14 7.78 -5.08
N GLY A 67 -8.93 8.58 -5.79
CA GLY A 67 -10.22 9.04 -5.31
C GLY A 67 -10.17 10.18 -4.30
N ASN A 68 -8.98 10.75 -4.08
CA ASN A 68 -8.83 11.81 -3.09
C ASN A 68 -8.19 13.09 -3.65
N GLU A 69 -8.74 14.24 -3.27
CA GLU A 69 -8.10 15.51 -3.63
C GLU A 69 -6.69 15.54 -3.07
N VAL A 70 -5.80 16.23 -3.76
CA VAL A 70 -4.45 16.41 -3.26
C VAL A 70 -4.35 17.80 -2.61
N ASN A 71 -3.33 17.98 -1.79
CA ASN A 71 -3.09 19.27 -1.13
C ASN A 71 -2.69 20.38 -2.11
N ALA A 72 -2.63 21.62 -1.62
CA ALA A 72 -2.34 22.78 -2.46
C ALA A 72 -0.93 22.71 -3.04
N LYS A 73 -0.05 22.00 -2.34
CA LYS A 73 1.31 21.80 -2.81
C LYS A 73 1.35 20.95 -4.05
N GLU A 74 0.84 19.73 -3.94
CA GLU A 74 0.78 18.81 -5.06
C GLU A 74 -0.06 19.43 -6.16
N LYS A 75 -1.03 20.24 -5.76
CA LYS A 75 -1.92 20.92 -6.68
C LYS A 75 -1.17 21.94 -7.54
N GLU A 76 -0.31 22.73 -6.89
CA GLU A 76 0.50 23.73 -7.58
C GLU A 76 1.46 23.04 -8.56
N LYS A 77 2.09 21.96 -8.11
CA LYS A 77 2.99 21.19 -8.97
C LYS A 77 2.34 20.65 -10.24
N ILE A 78 1.14 20.09 -10.13
CA ILE A 78 0.47 19.57 -11.31
C ILE A 78 0.08 20.70 -12.26
N GLN A 79 -0.29 21.86 -11.71
CA GLN A 79 -0.62 23.00 -12.57
C GLN A 79 0.62 23.49 -13.35
N ASN A 80 1.77 23.52 -12.69
CA ASN A 80 2.99 23.89 -13.39
C ASN A 80 3.29 22.91 -14.52
N TYR A 81 3.19 21.62 -14.22
CA TYR A 81 3.40 20.63 -15.27
C TYR A 81 2.41 20.82 -16.42
N MET A 82 1.15 21.07 -16.10
CA MET A 82 0.15 21.19 -17.15
C MET A 82 0.38 22.43 -18.02
N ASN A 83 1.06 23.44 -17.46
CA ASN A 83 1.48 24.59 -18.25
C ASN A 83 2.39 24.18 -19.41
N ILE A 84 3.22 23.17 -19.20
CA ILE A 84 4.07 22.65 -20.26
C ILE A 84 3.23 22.03 -21.36
N VAL A 85 2.22 21.27 -20.94
CA VAL A 85 1.33 20.60 -21.87
C VAL A 85 0.57 21.63 -22.73
N ARG A 86 0.05 22.67 -22.09
CA ARG A 86 -0.70 23.72 -22.82
C ARG A 86 0.17 24.42 -23.85
N ASP A 87 1.36 24.85 -23.43
CA ASP A 87 2.34 25.44 -24.35
C ASP A 87 2.59 24.50 -25.53
N LEU A 88 2.89 23.24 -25.23
CA LEU A 88 3.12 22.26 -26.26
C LEU A 88 1.92 22.15 -27.21
N ALA A 89 0.72 22.22 -26.65
CA ALA A 89 -0.50 22.04 -27.44
C ALA A 89 -0.94 23.32 -28.16
N GLY A 90 -0.44 24.46 -27.68
CA GLY A 90 -0.89 25.74 -28.20
C GLY A 90 -2.34 26.02 -27.81
N ASN A 91 -2.71 25.63 -26.60
CA ASN A 91 -4.05 25.94 -26.10
C ASN A 91 -4.03 26.47 -24.67
N ARG A 92 -5.20 26.73 -24.11
CA ARG A 92 -5.28 27.24 -22.75
C ARG A 92 -6.32 26.46 -21.93
N LEU A 93 -6.60 25.23 -22.37
CA LEU A 93 -7.54 24.35 -21.70
C LEU A 93 -6.97 23.78 -20.40
N HIS A 94 -7.76 23.80 -19.34
CA HIS A 94 -7.37 23.19 -18.08
C HIS A 94 -8.00 21.81 -17.96
N ALA A 95 -7.42 20.96 -17.11
CA ALA A 95 -7.86 19.59 -17.07
C ALA A 95 -8.24 19.13 -15.66
N ARG A 96 -9.21 18.23 -15.61
CA ARG A 96 -9.43 17.42 -14.43
C ARG A 96 -8.64 16.13 -14.64
N ILE A 97 -7.73 15.84 -13.71
CA ILE A 97 -6.87 14.67 -13.82
C ILE A 97 -7.31 13.66 -12.76
N GLU A 98 -7.63 12.46 -13.19
CA GLU A 98 -8.05 11.43 -12.26
C GLU A 98 -7.11 10.27 -12.41
N SER A 99 -6.32 10.03 -11.37
CA SER A 99 -5.24 9.06 -11.43
C SER A 99 -5.39 8.00 -10.34
N GLU A 100 -5.00 6.77 -10.68
CA GLU A 100 -5.01 5.67 -9.73
C GLU A 100 -3.66 4.97 -9.79
N ASN A 101 -2.94 4.92 -8.67
CA ASN A 101 -1.67 4.20 -8.62
C ASN A 101 -1.90 2.74 -8.24
N TYR A 102 -1.46 1.85 -9.10
CA TYR A 102 -1.49 0.42 -8.78
C TYR A 102 -0.07 0.00 -8.48
N VAL A 103 0.49 0.68 -7.47
CA VAL A 103 1.88 0.57 -7.08
C VAL A 103 1.88 0.54 -5.55
N PRO A 104 2.68 -0.37 -4.95
CA PRO A 104 2.72 -0.48 -3.49
C PRO A 104 3.50 0.68 -2.88
N THR A 105 2.92 1.87 -2.89
CA THR A 105 3.65 3.07 -2.48
C THR A 105 3.89 3.10 -0.97
N ALA A 106 2.94 2.59 -0.19
CA ALA A 106 3.12 2.54 1.27
C ALA A 106 4.27 1.60 1.64
N ALA A 107 4.56 0.64 0.78
CA ALA A 107 5.69 -0.27 0.99
C ALA A 107 7.01 0.30 0.43
N GLY A 108 6.96 1.52 -0.10
CA GLY A 108 8.19 2.19 -0.50
C GLY A 108 8.51 2.18 -2.00
N LEU A 109 7.65 1.55 -2.80
CA LEU A 109 7.87 1.54 -4.24
C LEU A 109 7.46 2.90 -4.84
N ALA A 110 8.32 3.45 -5.69
CA ALA A 110 8.06 4.75 -6.31
C ALA A 110 6.99 4.71 -7.41
N SER A 111 6.17 5.75 -7.50
CA SER A 111 5.13 5.81 -8.53
C SER A 111 5.36 6.94 -9.54
N SER A 112 6.44 7.69 -9.34
CA SER A 112 6.71 8.88 -10.15
C SER A 112 6.95 8.56 -11.62
N ALA A 113 7.68 7.48 -11.91
CA ALA A 113 7.95 7.12 -13.30
C ALA A 113 6.66 6.75 -14.03
N SER A 114 5.86 5.87 -13.45
CA SER A 114 4.60 5.48 -14.07
C SER A 114 3.61 6.64 -14.16
N ALA A 115 3.55 7.46 -13.12
CA ALA A 115 2.58 8.54 -13.09
C ALA A 115 2.83 9.56 -14.19
N TYR A 116 4.08 10.00 -14.34
CA TYR A 116 4.35 11.03 -15.33
C TYR A 116 4.33 10.51 -16.76
N ALA A 117 4.69 9.24 -16.95
CA ALA A 117 4.55 8.60 -18.26
C ALA A 117 3.06 8.45 -18.62
N ALA A 118 2.23 8.09 -17.65
CA ALA A 118 0.80 7.93 -17.93
C ALA A 118 0.16 9.27 -18.25
N LEU A 119 0.53 10.31 -17.51
CA LEU A 119 -0.02 11.63 -17.73
C LEU A 119 0.36 12.18 -19.11
N ALA A 120 1.64 12.04 -19.47
CA ALA A 120 2.10 12.51 -20.78
C ALA A 120 1.33 11.82 -21.89
N ALA A 121 1.23 10.50 -21.83
CA ALA A 121 0.49 9.73 -22.83
C ALA A 121 -1.01 10.08 -22.87
N ALA A 122 -1.60 10.29 -21.68
CA ALA A 122 -3.00 10.65 -21.58
C ALA A 122 -3.29 12.01 -22.22
N CYS A 123 -2.41 12.98 -21.99
CA CYS A 123 -2.54 14.29 -22.63
C CYS A 123 -2.37 14.23 -24.15
N ASN A 124 -1.41 13.44 -24.62
CA ASN A 124 -1.18 13.25 -26.05
C ASN A 124 -2.44 12.69 -26.71
N GLU A 125 -3.05 11.71 -26.05
CA GLU A 125 -4.30 11.12 -26.55
C GLU A 125 -5.45 12.13 -26.51
N ALA A 126 -5.61 12.82 -25.37
CA ALA A 126 -6.73 13.74 -25.20
C ALA A 126 -6.70 14.86 -26.24
N LEU A 127 -5.50 15.40 -26.49
CA LEU A 127 -5.34 16.55 -27.35
C LEU A 127 -4.90 16.22 -28.77
N SER A 128 -4.76 14.93 -29.08
CA SER A 128 -4.39 14.52 -30.42
C SER A 128 -3.09 15.18 -30.86
N LEU A 129 -2.10 15.18 -29.98
CA LEU A 129 -0.82 15.84 -30.27
C LEU A 129 0.05 15.06 -31.25
N ASN A 130 -0.28 13.79 -31.46
CA ASN A 130 0.47 12.92 -32.36
C ASN A 130 1.97 12.84 -32.07
N LEU A 131 2.33 12.91 -30.78
CA LEU A 131 3.73 12.87 -30.39
C LEU A 131 4.39 11.54 -30.69
N SER A 132 5.62 11.62 -31.18
CA SER A 132 6.43 10.43 -31.39
C SER A 132 6.79 9.89 -30.01
N ASP A 133 7.24 8.65 -29.95
CA ASP A 133 7.67 8.09 -28.66
C ASP A 133 8.82 8.91 -28.06
N THR A 134 9.70 9.43 -28.92
CA THR A 134 10.74 10.34 -28.47
C THR A 134 10.18 11.57 -27.79
N ASP A 135 9.19 12.20 -28.39
CA ASP A 135 8.67 13.43 -27.79
C ASP A 135 7.80 13.13 -26.57
N LEU A 136 7.17 11.95 -26.56
CA LEU A 136 6.43 11.55 -25.37
C LEU A 136 7.40 11.38 -24.21
N SER A 137 8.55 10.76 -24.51
CA SER A 137 9.59 10.57 -23.52
C SER A 137 10.09 11.91 -22.99
N ARG A 138 10.32 12.87 -23.89
CA ARG A 138 10.81 14.18 -23.48
C ARG A 138 9.79 14.87 -22.56
N LEU A 139 8.50 14.71 -22.88
CA LEU A 139 7.44 15.32 -22.07
C LEU A 139 7.40 14.70 -20.68
N ALA A 140 7.40 13.37 -20.61
CA ALA A 140 7.42 12.68 -19.32
C ALA A 140 8.65 13.07 -18.49
N ARG A 141 9.82 13.17 -19.14
CA ARG A 141 11.06 13.54 -18.44
C ARG A 141 10.91 14.82 -17.64
N ARG A 142 10.17 15.80 -18.17
CA ARG A 142 10.04 17.10 -17.52
C ARG A 142 9.32 16.99 -16.20
N GLY A 143 8.58 15.90 -16.02
CA GLY A 143 7.86 15.68 -14.77
C GLY A 143 8.72 14.88 -13.81
N SER A 144 9.31 13.81 -14.31
CA SER A 144 10.23 13.00 -13.50
C SER A 144 11.19 12.27 -14.40
N GLY A 145 12.48 12.32 -14.05
CA GLY A 145 13.51 11.74 -14.90
C GLY A 145 13.22 10.32 -15.35
N SER A 146 12.93 9.45 -14.38
CA SER A 146 12.70 8.04 -14.70
C SER A 146 11.42 7.84 -15.51
N ALA A 147 10.51 8.80 -15.46
CA ALA A 147 9.29 8.66 -16.29
C ALA A 147 9.64 8.56 -17.77
N SER A 148 10.76 9.16 -18.17
CA SER A 148 11.17 9.14 -19.58
C SER A 148 11.26 7.70 -20.09
N ARG A 149 11.63 6.77 -19.22
CA ARG A 149 11.86 5.38 -19.61
C ARG A 149 10.60 4.56 -19.56
N SER A 150 9.63 4.99 -18.74
CA SER A 150 8.37 4.26 -18.63
C SER A 150 7.44 4.40 -19.84
N ILE A 151 7.84 5.18 -20.84
CA ILE A 151 7.13 5.16 -22.11
C ILE A 151 7.29 3.80 -22.78
N PHE A 152 8.34 3.08 -22.40
CA PHE A 152 8.77 1.88 -23.11
C PHE A 152 8.67 0.63 -22.27
N GLY A 153 8.53 -0.52 -22.92
CA GLY A 153 8.55 -1.81 -22.23
C GLY A 153 9.96 -2.41 -22.16
N GLY A 154 10.08 -3.60 -21.59
CA GLY A 154 11.34 -4.32 -21.56
C GLY A 154 12.50 -3.47 -21.09
N PHE A 155 13.67 -3.67 -21.69
CA PHE A 155 14.83 -2.80 -21.42
C PHE A 155 14.69 -1.46 -22.10
N ALA A 156 15.08 -0.40 -21.40
CA ALA A 156 15.02 0.96 -21.97
C ALA A 156 16.20 1.79 -21.50
N GLU A 157 16.66 2.71 -22.34
CA GLU A 157 17.78 3.57 -22.00
C GLU A 157 17.44 5.05 -22.14
N TRP A 158 17.75 5.83 -21.10
CA TRP A 158 17.61 7.27 -21.17
C TRP A 158 18.96 7.84 -21.60
N GLU A 159 18.98 8.41 -22.80
CA GLU A 159 20.14 9.11 -23.35
C GLU A 159 20.23 10.50 -22.74
N LYS A 160 21.36 10.82 -22.12
CA LYS A 160 21.43 12.04 -21.33
C LYS A 160 21.28 13.32 -22.14
N GLY A 161 21.80 13.32 -23.36
CA GLY A 161 21.80 14.52 -24.19
C GLY A 161 22.44 15.70 -23.48
N HIS A 162 22.15 16.91 -23.96
CA HIS A 162 22.72 18.11 -23.34
C HIS A 162 21.67 19.22 -23.17
N ASP A 163 20.46 18.98 -23.66
CA ASP A 163 19.37 19.95 -23.51
C ASP A 163 17.98 19.29 -23.62
N ASP A 164 16.95 20.12 -23.57
CA ASP A 164 15.58 19.61 -23.56
C ASP A 164 15.27 18.74 -24.77
N LEU A 165 15.83 19.08 -25.93
CA LEU A 165 15.56 18.35 -27.17
C LEU A 165 16.28 17.01 -27.29
N THR A 166 17.45 16.91 -26.66
CA THR A 166 18.29 15.73 -26.85
C THR A 166 18.28 14.73 -25.69
N SER A 167 17.64 15.08 -24.57
CA SER A 167 17.53 14.18 -23.43
C SER A 167 16.22 13.40 -23.44
N TYR A 168 16.29 12.11 -23.74
CA TYR A 168 15.10 11.27 -23.78
C TYR A 168 15.49 9.81 -23.88
N ALA A 169 14.51 8.94 -23.70
CA ALA A 169 14.77 7.49 -23.69
C ALA A 169 14.30 6.79 -24.96
N HIS A 170 14.73 5.54 -25.12
CA HIS A 170 14.29 4.70 -26.22
C HIS A 170 14.26 3.26 -25.71
N GLY A 171 13.41 2.44 -26.33
CA GLY A 171 13.33 1.04 -25.98
C GLY A 171 14.51 0.29 -26.56
N ILE A 172 15.02 -0.69 -25.81
CA ILE A 172 16.07 -1.54 -26.35
C ILE A 172 15.47 -2.87 -26.70
N ASN A 173 15.71 -3.30 -27.94
CA ASN A 173 15.26 -4.61 -28.38
C ASN A 173 16.20 -5.66 -27.84
N SER A 174 15.64 -6.66 -27.19
CA SER A 174 16.41 -7.64 -26.45
C SER A 174 16.21 -9.03 -27.05
N ASN A 175 15.62 -9.08 -28.24
CA ASN A 175 15.22 -10.36 -28.84
C ASN A 175 14.31 -11.18 -27.92
N GLY A 176 13.48 -10.48 -27.15
CA GLY A 176 12.54 -11.12 -26.26
C GLY A 176 13.10 -11.56 -24.92
N TRP A 177 14.33 -11.16 -24.61
CA TRP A 177 14.96 -11.61 -23.38
C TRP A 177 14.15 -11.18 -22.15
N GLU A 178 13.55 -10.00 -22.22
CA GLU A 178 12.79 -9.48 -21.08
C GLU A 178 11.69 -10.46 -20.64
N LYS A 179 11.25 -11.31 -21.56
CA LYS A 179 10.22 -12.31 -21.27
C LYS A 179 10.72 -13.44 -20.36
N ASP A 180 12.03 -13.56 -20.21
CA ASP A 180 12.65 -14.63 -19.44
C ASP A 180 13.09 -14.14 -18.06
N LEU A 181 12.83 -12.87 -17.76
CA LEU A 181 13.36 -12.24 -16.54
C LEU A 181 12.27 -11.77 -15.57
N SER A 182 12.63 -11.68 -14.29
CA SER A 182 11.73 -11.21 -13.24
C SER A 182 12.49 -10.37 -12.24
N MET A 183 11.74 -9.72 -11.35
CA MET A 183 12.33 -8.92 -10.29
C MET A 183 11.52 -9.17 -9.04
N ILE A 184 12.20 -9.55 -7.97
CA ILE A 184 11.55 -9.75 -6.68
C ILE A 184 11.83 -8.54 -5.83
N PHE A 185 10.77 -7.95 -5.29
CA PHE A 185 10.90 -6.82 -4.40
C PHE A 185 10.85 -7.29 -2.95
N VAL A 186 11.87 -6.95 -2.18
CA VAL A 186 11.88 -7.24 -0.77
C VAL A 186 11.57 -5.98 0.02
N VAL A 187 10.41 -5.98 0.69
CA VAL A 187 9.98 -4.81 1.43
C VAL A 187 10.71 -4.76 2.75
N ILE A 188 11.63 -3.81 2.87
CA ILE A 188 12.50 -3.74 4.02
C ILE A 188 11.95 -2.72 5.02
N ASN A 189 12.01 -3.07 6.30
CA ASN A 189 11.51 -2.17 7.33
C ASN A 189 12.22 -0.83 7.23
N ASN A 190 11.44 0.25 7.18
CA ASN A 190 11.98 1.57 6.91
C ASN A 190 11.39 2.60 7.87
N GLN A 191 12.16 3.65 8.16
CA GLN A 191 11.61 4.83 8.81
C GLN A 191 10.43 5.32 7.97
N SER A 192 9.46 5.95 8.60
CA SER A 192 8.35 6.52 7.85
C SER A 192 8.52 8.02 7.63
N LYS A 193 9.61 8.58 8.16
CA LYS A 193 9.90 10.01 8.03
C LYS A 193 10.11 10.40 6.56
N LYS A 194 9.83 11.65 6.22
CA LYS A 194 9.86 12.08 4.83
C LYS A 194 11.26 11.93 4.23
N VAL A 195 11.31 11.47 2.98
CA VAL A 195 12.58 11.35 2.25
C VAL A 195 12.39 11.80 0.80
N SER A 196 13.36 12.54 0.28
CA SER A 196 13.31 13.06 -1.10
C SER A 196 14.53 12.60 -1.91
N ALA A 197 14.29 11.72 -2.88
CA ALA A 197 15.35 11.28 -3.76
C ALA A 197 15.93 12.46 -4.55
N ARG A 198 15.08 13.40 -4.93
CA ARG A 198 15.51 14.54 -5.70
C ARG A 198 16.51 15.40 -4.93
N SER A 199 16.22 15.61 -3.65
CA SER A 199 17.08 16.36 -2.76
C SER A 199 18.35 15.56 -2.46
N GLY A 200 18.19 14.26 -2.28
CA GLY A 200 19.34 13.40 -2.04
C GLY A 200 20.32 13.44 -3.20
N MET A 201 19.86 13.14 -4.41
CA MET A 201 20.78 13.12 -5.55
C MET A 201 21.42 14.48 -5.79
N SER A 202 20.69 15.56 -5.47
CA SER A 202 21.23 16.91 -5.61
C SER A 202 22.42 17.17 -4.67
N LEU A 203 22.26 16.84 -3.39
CA LEU A 203 23.36 17.04 -2.43
C LEU A 203 24.59 16.24 -2.85
N THR A 204 24.36 15.00 -3.26
CA THR A 204 25.45 14.11 -3.69
C THR A 204 26.13 14.60 -4.95
N ARG A 205 25.34 14.89 -5.97
CA ARG A 205 25.89 15.45 -7.21
C ARG A 205 26.71 16.72 -6.96
N ASP A 206 26.23 17.60 -6.09
CA ASP A 206 26.88 18.89 -5.85
C ASP A 206 28.07 18.80 -4.90
N THR A 207 28.05 17.86 -3.94
CA THR A 207 29.05 17.88 -2.87
C THR A 207 29.84 16.59 -2.66
N SER A 208 29.43 15.48 -3.26
CA SER A 208 30.07 14.22 -2.89
C SER A 208 31.53 14.16 -3.33
N ARG A 209 32.38 13.82 -2.38
CA ARG A 209 33.80 13.56 -2.63
C ARG A 209 34.00 12.32 -3.49
N PHE A 210 32.95 11.52 -3.65
CA PHE A 210 33.08 10.31 -4.44
C PHE A 210 32.31 10.40 -5.74
N TYR A 211 31.79 11.58 -6.05
CA TYR A 211 30.96 11.67 -7.26
C TYR A 211 31.77 11.47 -8.54
N GLN A 212 33.01 11.93 -8.57
CA GLN A 212 33.80 11.76 -9.79
C GLN A 212 34.06 10.28 -10.09
N TYR A 213 34.25 9.50 -9.03
CA TYR A 213 34.42 8.06 -9.15
C TYR A 213 33.22 7.45 -9.86
N TRP A 214 32.04 7.94 -9.50
CA TRP A 214 30.80 7.49 -10.14
C TRP A 214 30.84 7.79 -11.63
N LEU A 215 31.12 9.04 -11.96
CA LEU A 215 31.14 9.48 -13.35
C LEU A 215 32.18 8.70 -14.18
N ASP A 216 33.30 8.36 -13.57
CA ASP A 216 34.39 7.72 -14.30
C ASP A 216 34.07 6.29 -14.68
N HIS A 217 33.06 5.71 -14.04
CA HIS A 217 32.75 4.31 -14.27
C HIS A 217 31.41 4.06 -14.94
N VAL A 218 30.52 5.04 -14.93
CA VAL A 218 29.15 4.79 -15.38
C VAL A 218 29.06 4.38 -16.87
N ASP A 219 29.82 5.04 -17.74
CA ASP A 219 29.77 4.73 -19.16
C ASP A 219 30.26 3.31 -19.46
N GLU A 220 31.29 2.91 -18.73
CA GLU A 220 31.84 1.56 -18.88
C GLU A 220 30.83 0.51 -18.42
N ASP A 221 30.17 0.76 -17.28
CA ASP A 221 29.13 -0.14 -16.78
C ASP A 221 28.00 -0.25 -17.79
N LEU A 222 27.60 0.89 -18.34
CA LEU A 222 26.49 0.95 -19.27
C LEU A 222 26.77 0.13 -20.53
N ASN A 223 27.96 0.30 -21.10
CA ASN A 223 28.33 -0.49 -22.28
C ASN A 223 28.39 -1.97 -21.94
N GLU A 224 28.94 -2.30 -20.77
CA GLU A 224 29.01 -3.69 -20.34
C GLU A 224 27.60 -4.30 -20.22
N ALA A 225 26.70 -3.56 -19.55
CA ALA A 225 25.32 -4.01 -19.41
C ALA A 225 24.68 -4.25 -20.78
N LYS A 226 24.83 -3.30 -21.70
CA LYS A 226 24.22 -3.39 -23.02
C LYS A 226 24.77 -4.55 -23.84
N GLU A 227 26.05 -4.85 -23.70
CA GLU A 227 26.61 -6.01 -24.38
C GLU A 227 26.05 -7.28 -23.75
N ALA A 228 25.92 -7.30 -22.43
CA ALA A 228 25.34 -8.45 -21.79
C ALA A 228 23.92 -8.67 -22.31
N VAL A 229 23.18 -7.58 -22.52
CA VAL A 229 21.81 -7.71 -23.00
C VAL A 229 21.76 -8.26 -24.44
N LYS A 230 22.68 -7.79 -25.27
CA LYS A 230 22.78 -8.26 -26.66
C LYS A 230 23.05 -9.76 -26.70
N ASN A 231 23.81 -10.25 -25.73
CA ASN A 231 24.15 -11.66 -25.64
C ASN A 231 23.21 -12.47 -24.76
N GLN A 232 22.25 -11.81 -24.14
CA GLN A 232 21.38 -12.48 -23.19
C GLN A 232 22.19 -13.25 -22.15
N ASP A 233 23.23 -12.59 -21.65
CA ASP A 233 24.16 -13.17 -20.69
C ASP A 233 23.76 -12.72 -19.29
N PHE A 234 23.00 -13.54 -18.58
CA PHE A 234 22.44 -13.11 -17.31
C PHE A 234 23.50 -12.77 -16.26
N GLN A 235 24.48 -13.65 -16.09
CA GLN A 235 25.52 -13.43 -15.09
C GLN A 235 26.30 -12.14 -15.35
N ARG A 236 26.57 -11.88 -16.62
CA ARG A 236 27.33 -10.70 -17.01
C ARG A 236 26.56 -9.40 -16.74
N LEU A 237 25.27 -9.41 -17.04
CA LEU A 237 24.41 -8.27 -16.75
C LEU A 237 24.31 -8.04 -15.24
N GLY A 238 24.02 -9.12 -14.52
CA GLY A 238 23.90 -9.08 -13.07
C GLY A 238 25.09 -8.53 -12.34
N GLU A 239 26.28 -9.03 -12.63
CA GLU A 239 27.46 -8.56 -11.92
C GLU A 239 27.64 -7.05 -12.09
N VAL A 240 27.46 -6.56 -13.30
CA VAL A 240 27.72 -5.16 -13.55
C VAL A 240 26.63 -4.27 -12.96
N ILE A 241 25.38 -4.71 -13.01
CA ILE A 241 24.32 -3.85 -12.46
C ILE A 241 24.37 -3.84 -10.93
N GLU A 242 24.76 -4.96 -10.35
CA GLU A 242 24.93 -5.00 -8.90
C GLU A 242 26.05 -4.08 -8.46
N ALA A 243 27.17 -4.08 -9.18
CA ALA A 243 28.28 -3.20 -8.82
C ALA A 243 27.90 -1.73 -9.05
N ASN A 244 27.22 -1.46 -10.15
CA ASN A 244 26.82 -0.09 -10.45
C ASN A 244 25.92 0.48 -9.36
N GLY A 245 24.97 -0.33 -8.91
CA GLY A 245 24.04 0.07 -7.87
C GLY A 245 24.78 0.41 -6.61
N LEU A 246 25.72 -0.45 -6.23
CA LEU A 246 26.48 -0.20 -5.02
C LEU A 246 27.34 1.08 -5.15
N ARG A 247 27.87 1.35 -6.34
CA ARG A 247 28.68 2.56 -6.52
C ARG A 247 27.81 3.80 -6.33
N MET A 248 26.54 3.71 -6.71
CA MET A 248 25.63 4.84 -6.52
C MET A 248 25.45 5.10 -5.02
N HIS A 249 25.29 4.05 -4.24
CA HIS A 249 25.14 4.25 -2.81
C HIS A 249 26.43 4.77 -2.20
N ALA A 250 27.56 4.30 -2.74
CA ALA A 250 28.85 4.82 -2.30
C ALA A 250 28.94 6.35 -2.42
N THR A 251 28.42 6.92 -3.51
CA THR A 251 28.49 8.37 -3.69
C THR A 251 27.82 9.13 -2.54
N ASN A 252 26.73 8.58 -2.01
CA ASN A 252 26.06 9.21 -0.88
C ASN A 252 26.90 9.24 0.38
N LEU A 253 27.71 8.20 0.56
CA LEU A 253 28.65 8.17 1.67
C LEU A 253 29.68 9.32 1.60
N GLY A 254 29.93 9.84 0.40
CA GLY A 254 30.90 10.91 0.26
C GLY A 254 30.30 12.31 0.28
N ALA A 255 28.98 12.40 0.40
CA ALA A 255 28.27 13.69 0.44
C ALA A 255 28.69 14.54 1.64
N GLN A 256 28.41 15.84 1.56
CA GLN A 256 28.72 16.74 2.67
C GLN A 256 27.43 17.28 3.32
N PRO A 257 26.98 16.67 4.44
CA PRO A 257 27.55 15.52 5.13
C PRO A 257 26.98 14.21 4.60
N PRO A 258 27.56 13.07 5.03
CA PRO A 258 27.20 11.79 4.42
C PRO A 258 25.81 11.29 4.79
N PHE A 259 25.25 10.46 3.94
CA PHE A 259 23.98 9.82 4.26
C PHE A 259 23.90 8.47 3.55
N THR A 260 22.92 7.68 3.93
CA THR A 260 22.71 6.40 3.27
C THR A 260 21.23 6.09 3.25
N TYR A 261 20.80 5.35 2.22
CA TYR A 261 19.42 4.89 2.14
C TYR A 261 19.28 3.47 2.68
N LEU A 262 20.42 2.84 2.98
CA LEU A 262 20.43 1.44 3.34
C LEU A 262 20.37 1.27 4.84
N VAL A 263 19.70 0.22 5.30
CA VAL A 263 19.69 -0.13 6.71
C VAL A 263 20.19 -1.56 6.85
N GLN A 264 20.46 -2.00 8.07
CA GLN A 264 21.06 -3.32 8.24
C GLN A 264 20.23 -4.42 7.59
N GLU A 265 18.91 -4.30 7.70
CA GLU A 265 18.01 -5.28 7.13
C GLU A 265 18.21 -5.40 5.60
N SER A 266 18.57 -4.30 4.95
CA SER A 266 18.91 -4.30 3.53
C SER A 266 20.12 -5.19 3.32
N TYR A 267 21.15 -5.02 4.15
CA TYR A 267 22.35 -5.86 4.02
C TYR A 267 22.01 -7.33 4.25
N ASP A 268 21.11 -7.60 5.19
CA ASP A 268 20.67 -8.96 5.43
C ASP A 268 20.09 -9.57 4.16
N ALA A 269 19.31 -8.78 3.41
CA ALA A 269 18.71 -9.28 2.18
C ALA A 269 19.75 -9.50 1.08
N MET A 270 20.75 -8.62 1.02
CA MET A 270 21.85 -8.77 0.08
C MET A 270 22.62 -10.06 0.35
N ALA A 271 22.79 -10.39 1.62
CA ALA A 271 23.49 -11.61 2.01
C ALA A 271 22.76 -12.84 1.50
N ILE A 272 21.43 -12.79 1.51
CA ILE A 272 20.63 -13.90 1.02
C ILE A 272 20.78 -14.08 -0.49
N VAL A 273 20.87 -12.98 -1.22
CA VAL A 273 21.12 -13.07 -2.65
C VAL A 273 22.44 -13.78 -2.91
N GLU A 274 23.50 -13.38 -2.20
CA GLU A 274 24.79 -14.03 -2.40
C GLU A 274 24.76 -15.50 -2.00
N GLN A 275 23.99 -15.84 -0.97
CA GLN A 275 23.83 -17.25 -0.59
C GLN A 275 23.15 -17.98 -1.71
N CYS A 276 22.14 -17.35 -2.31
CA CYS A 276 21.46 -17.92 -3.47
C CYS A 276 22.41 -18.23 -4.61
N ARG A 277 23.30 -17.28 -4.93
CA ARG A 277 24.27 -17.50 -5.99
C ARG A 277 25.18 -18.70 -5.65
N LYS A 278 25.60 -18.78 -4.39
CA LYS A 278 26.48 -19.87 -3.95
C LYS A 278 25.77 -21.24 -3.95
N ALA A 279 24.44 -21.22 -4.00
CA ALA A 279 23.65 -22.45 -4.05
C ALA A 279 23.09 -22.70 -5.44
N ASN A 280 23.74 -22.14 -6.44
CA ASN A 280 23.34 -22.35 -7.85
C ASN A 280 21.99 -21.73 -8.21
N LEU A 281 21.68 -20.57 -7.63
CA LEU A 281 20.46 -19.82 -8.00
C LEU A 281 20.89 -18.41 -8.37
N PRO A 282 21.26 -18.21 -9.64
CA PRO A 282 21.78 -16.90 -10.03
C PRO A 282 20.78 -15.78 -9.76
N CYS A 283 21.23 -14.71 -9.12
CA CYS A 283 20.40 -13.51 -8.95
C CYS A 283 21.29 -12.38 -8.43
N TYR A 284 20.79 -11.15 -8.58
CA TYR A 284 21.57 -9.94 -8.35
C TYR A 284 20.65 -8.84 -7.83
N PHE A 285 21.15 -8.03 -6.90
CA PHE A 285 20.32 -7.01 -6.25
C PHE A 285 20.63 -5.58 -6.66
N THR A 286 19.63 -4.72 -6.49
CA THR A 286 19.83 -3.29 -6.58
C THR A 286 18.90 -2.59 -5.59
N MET A 287 19.25 -1.37 -5.24
CA MET A 287 18.50 -0.57 -4.29
C MET A 287 18.40 0.87 -4.83
N ASP A 288 17.32 1.57 -4.48
CA ASP A 288 17.18 2.95 -4.93
C ASP A 288 17.17 3.93 -3.76
N ALA A 289 16.23 4.88 -3.72
CA ALA A 289 16.29 5.89 -2.65
C ALA A 289 15.55 5.45 -1.40
N GLY A 290 15.94 4.30 -0.86
CA GLY A 290 15.30 3.73 0.31
C GLY A 290 15.88 2.33 0.50
N PRO A 291 15.50 1.65 1.59
CA PRO A 291 16.19 0.40 1.93
C PRO A 291 15.66 -0.83 1.21
N ASN A 292 14.56 -0.73 0.44
CA ASN A 292 14.02 -1.89 -0.24
C ASN A 292 15.07 -2.52 -1.15
N VAL A 293 15.08 -3.85 -1.20
CA VAL A 293 16.04 -4.57 -2.03
C VAL A 293 15.30 -5.23 -3.18
N LYS A 294 15.77 -4.95 -4.39
CA LYS A 294 15.19 -5.51 -5.60
C LYS A 294 16.12 -6.57 -6.14
N VAL A 295 15.57 -7.74 -6.42
CA VAL A 295 16.37 -8.89 -6.83
C VAL A 295 16.03 -9.30 -8.24
N LEU A 296 16.97 -9.06 -9.16
CA LEU A 296 16.82 -9.46 -10.55
C LEU A 296 17.13 -10.95 -10.64
N VAL A 297 16.24 -11.70 -11.29
CA VAL A 297 16.39 -13.14 -11.34
C VAL A 297 15.76 -13.66 -12.61
N GLU A 298 16.27 -14.77 -13.13
CA GLU A 298 15.61 -15.42 -14.25
C GLU A 298 14.27 -15.96 -13.81
N LYS A 299 13.27 -15.85 -14.68
CA LYS A 299 11.91 -16.24 -14.30
C LYS A 299 11.85 -17.69 -13.84
N LYS A 300 12.70 -18.53 -14.42
CA LYS A 300 12.74 -19.94 -14.08
C LYS A 300 13.18 -20.20 -12.64
N ASN A 301 13.97 -19.27 -12.08
CA ASN A 301 14.47 -19.39 -10.70
C ASN A 301 13.76 -18.48 -9.72
N LYS A 302 12.79 -17.71 -10.21
CA LYS A 302 12.06 -16.77 -9.37
C LYS A 302 11.47 -17.42 -8.12
N GLN A 303 10.74 -18.52 -8.30
CA GLN A 303 10.04 -19.15 -7.17
C GLN A 303 11.02 -19.61 -6.08
N ALA A 304 12.09 -20.28 -6.51
CA ALA A 304 13.12 -20.79 -5.62
C ALA A 304 13.83 -19.69 -4.85
N VAL A 305 14.12 -18.59 -5.54
CA VAL A 305 14.74 -17.46 -4.84
C VAL A 305 13.76 -16.90 -3.81
N MET A 306 12.48 -16.79 -4.17
CA MET A 306 11.47 -16.31 -3.23
C MET A 306 11.41 -17.20 -1.99
N GLU A 307 11.48 -18.51 -2.19
CA GLU A 307 11.39 -19.40 -1.03
C GLU A 307 12.56 -19.17 -0.07
N GLN A 308 13.71 -18.82 -0.61
CA GLN A 308 14.86 -18.54 0.25
C GLN A 308 14.60 -17.29 1.10
N PHE A 309 13.99 -16.28 0.49
CA PHE A 309 13.60 -15.09 1.24
C PHE A 309 12.49 -15.39 2.24
N LEU A 310 11.55 -16.26 1.84
CA LEU A 310 10.39 -16.56 2.66
C LEU A 310 10.74 -17.34 3.92
N LYS A 311 11.96 -17.88 3.96
CA LYS A 311 12.47 -18.49 5.18
C LYS A 311 12.61 -17.46 6.29
N VAL A 312 12.88 -16.21 5.92
CA VAL A 312 13.18 -15.18 6.92
C VAL A 312 12.26 -13.95 6.93
N PHE A 313 11.59 -13.68 5.82
CA PHE A 313 10.69 -12.52 5.74
C PHE A 313 9.23 -12.95 5.68
N ASP A 314 8.34 -12.12 6.24
CA ASP A 314 6.90 -12.29 6.05
C ASP A 314 6.55 -12.44 4.56
N GLU A 315 5.54 -13.25 4.29
CA GLU A 315 5.07 -13.51 2.94
C GLU A 315 4.66 -12.21 2.24
N SER A 316 4.10 -11.27 3.00
CA SER A 316 3.59 -10.02 2.45
C SER A 316 4.71 -9.13 1.91
N LYS A 317 5.94 -9.40 2.35
CA LYS A 317 7.07 -8.54 2.03
C LYS A 317 7.85 -8.99 0.81
N ILE A 318 7.47 -10.12 0.23
CA ILE A 318 8.21 -10.68 -0.90
C ILE A 318 7.32 -10.63 -2.15
N ILE A 319 7.52 -9.60 -2.96
CA ILE A 319 6.59 -9.31 -4.05
C ILE A 319 7.31 -9.42 -5.41
N ALA A 320 6.91 -10.40 -6.22
CA ALA A 320 7.56 -10.61 -7.52
C ALA A 320 6.77 -10.00 -8.67
N SER A 321 7.51 -9.52 -9.67
CA SER A 321 6.91 -9.03 -10.90
C SER A 321 7.72 -9.54 -12.09
N ASP A 322 7.03 -9.81 -13.20
CA ASP A 322 7.71 -10.10 -14.46
C ASP A 322 8.03 -8.77 -15.15
N ILE A 323 8.74 -8.84 -16.27
CA ILE A 323 9.07 -7.63 -17.03
C ILE A 323 8.17 -7.59 -18.27
N ILE A 324 7.47 -6.48 -18.45
CA ILE A 324 6.49 -6.38 -19.52
C ILE A 324 7.19 -5.99 -20.83
N SER A 325 6.70 -6.49 -21.95
CA SER A 325 7.34 -6.24 -23.24
C SER A 325 6.83 -4.94 -23.90
N SER A 326 5.55 -4.66 -23.71
CA SER A 326 4.94 -3.52 -24.38
C SER A 326 5.09 -2.23 -23.57
N GLY A 327 4.87 -1.10 -24.23
CA GLY A 327 5.06 0.20 -23.61
C GLY A 327 3.75 0.82 -23.17
N VAL A 328 3.76 2.14 -22.99
CA VAL A 328 2.59 2.82 -22.44
C VAL A 328 1.38 2.55 -23.33
N GLU A 329 0.21 2.30 -22.73
CA GLU A 329 -0.97 2.05 -23.54
C GLU A 329 -2.14 2.99 -23.28
N ILE A 330 -2.95 3.19 -24.33
CA ILE A 330 -4.16 4.00 -24.22
C ILE A 330 -5.28 3.07 -23.84
N ILE A 331 -6.03 3.45 -22.81
CA ILE A 331 -7.10 2.61 -22.29
C ILE A 331 -8.41 3.37 -22.14
N LYS A 332 -9.45 2.65 -21.72
CA LYS A 332 -10.73 3.25 -21.42
C LYS A 332 -10.79 3.58 -19.93
N VAL B 7 -24.16 -26.31 -8.45
CA VAL B 7 -23.13 -25.32 -8.18
C VAL B 7 -23.73 -24.02 -7.64
N LYS B 8 -23.44 -23.71 -6.38
CA LYS B 8 -24.03 -22.54 -5.72
C LYS B 8 -22.98 -21.48 -5.42
N SER B 9 -23.24 -20.24 -5.80
CA SER B 9 -22.25 -19.17 -5.62
C SER B 9 -22.87 -17.82 -5.22
N GLY B 10 -22.02 -16.95 -4.70
CA GLY B 10 -22.43 -15.65 -4.20
C GLY B 10 -21.19 -14.80 -3.93
N LYS B 11 -21.35 -13.48 -3.97
CA LYS B 11 -20.20 -12.60 -3.83
C LYS B 11 -20.56 -11.41 -2.96
N ALA B 12 -19.62 -11.00 -2.12
CA ALA B 12 -19.88 -9.94 -1.15
C ALA B 12 -18.66 -9.07 -0.88
N ARG B 13 -18.93 -7.81 -0.54
CA ARG B 13 -17.90 -6.87 -0.13
C ARG B 13 -18.15 -6.47 1.32
N ALA B 14 -17.13 -6.59 2.16
CA ALA B 14 -17.19 -6.06 3.52
C ALA B 14 -15.98 -5.18 3.78
N HIS B 15 -16.19 -4.11 4.55
CA HIS B 15 -15.15 -3.14 4.85
C HIS B 15 -14.51 -3.41 6.21
N THR B 16 -13.23 -3.03 6.36
CA THR B 16 -12.57 -3.20 7.64
C THR B 16 -13.22 -2.25 8.65
N ASN B 17 -13.05 -2.53 9.93
CA ASN B 17 -13.47 -1.58 10.94
C ASN B 17 -12.35 -1.45 11.96
N ILE B 18 -12.31 -0.31 12.65
CA ILE B 18 -11.31 -0.08 13.69
C ILE B 18 -12.02 0.05 15.02
N ALA B 19 -11.60 -0.74 16.00
CA ALA B 19 -12.17 -0.66 17.33
C ALA B 19 -11.71 0.64 17.99
N LEU B 20 -12.70 1.39 18.49
CA LEU B 20 -12.41 2.59 19.27
C LEU B 20 -12.43 2.23 20.78
N ILE B 21 -13.40 1.41 21.19
CA ILE B 21 -13.30 0.73 22.47
C ILE B 21 -12.89 -0.70 22.16
N LYS B 22 -11.73 -1.12 22.63
CA LYS B 22 -11.10 -2.34 22.13
C LYS B 22 -11.77 -3.68 22.53
N TYR B 23 -11.76 -4.59 21.58
CA TYR B 23 -11.96 -6.00 21.84
C TYR B 23 -10.58 -6.50 22.22
N TRP B 24 -10.43 -7.01 23.44
CA TRP B 24 -9.11 -7.49 23.87
C TRP B 24 -9.29 -8.53 24.95
N GLY B 25 -9.29 -9.80 24.55
CA GLY B 25 -9.49 -10.89 25.50
C GLY B 25 -10.79 -11.62 25.25
N LYS B 26 -10.69 -12.94 25.19
CA LYS B 26 -11.86 -13.81 25.02
C LYS B 26 -12.27 -14.47 26.33
N ALA B 27 -13.58 -14.53 26.57
CA ALA B 27 -14.12 -15.38 27.62
C ALA B 27 -14.09 -16.84 27.16
N ASP B 28 -14.40 -17.07 25.89
CA ASP B 28 -14.47 -18.41 25.32
C ASP B 28 -13.74 -18.47 24.00
N GLU B 29 -12.70 -19.30 23.94
CA GLU B 29 -11.84 -19.35 22.79
C GLU B 29 -12.51 -20.04 21.61
N THR B 30 -13.43 -20.96 21.89
CA THR B 30 -13.98 -21.77 20.81
C THR B 30 -15.10 -21.07 20.04
N TYR B 31 -15.98 -20.38 20.75
CA TYR B 31 -17.08 -19.66 20.09
C TYR B 31 -16.74 -18.19 19.85
N ILE B 32 -15.56 -17.77 20.31
CA ILE B 32 -15.14 -16.37 20.22
C ILE B 32 -16.14 -15.48 20.92
N ILE B 33 -16.24 -15.66 22.24
CA ILE B 33 -17.03 -14.80 23.08
C ILE B 33 -16.04 -13.91 23.82
N PRO B 34 -16.26 -12.58 23.78
CA PRO B 34 -15.25 -11.65 24.30
C PRO B 34 -15.45 -11.31 25.77
N MET B 35 -14.39 -10.85 26.45
CA MET B 35 -14.48 -10.45 27.86
C MET B 35 -15.25 -9.15 28.04
N ASN B 36 -15.37 -8.36 26.98
CA ASN B 36 -16.06 -7.09 27.07
C ASN B 36 -16.63 -6.66 25.73
N ASN B 37 -17.59 -5.74 25.75
CA ASN B 37 -18.14 -5.14 24.53
C ASN B 37 -17.10 -4.29 23.84
N SER B 38 -17.27 -4.08 22.54
CA SER B 38 -16.39 -3.19 21.80
C SER B 38 -17.16 -2.30 20.84
N LEU B 39 -16.56 -1.19 20.44
CA LEU B 39 -17.25 -0.19 19.64
C LEU B 39 -16.30 0.23 18.53
N SER B 40 -16.78 0.24 17.29
CA SER B 40 -15.89 0.51 16.17
C SER B 40 -16.52 1.44 15.14
N VAL B 41 -15.70 1.92 14.22
CA VAL B 41 -16.18 2.59 13.03
C VAL B 41 -15.74 1.79 11.80
N THR B 42 -16.63 1.66 10.83
CA THR B 42 -16.30 0.95 9.60
C THR B 42 -15.75 1.92 8.57
N LEU B 43 -14.66 1.51 7.90
CA LEU B 43 -13.94 2.40 7.00
C LEU B 43 -14.33 2.24 5.53
N ASP B 44 -14.34 3.35 4.82
CA ASP B 44 -14.67 3.37 3.40
C ASP B 44 -13.59 2.77 2.49
N ARG B 45 -12.32 3.00 2.83
CA ARG B 45 -11.21 2.81 1.88
C ARG B 45 -10.71 1.37 1.74
N PHE B 46 -10.82 0.60 2.82
CA PHE B 46 -10.21 -0.72 2.93
C PHE B 46 -11.26 -1.79 3.07
N TYR B 47 -11.20 -2.79 2.21
CA TYR B 47 -12.23 -3.81 2.20
C TYR B 47 -11.77 -5.10 1.56
N THR B 48 -12.64 -6.09 1.62
CA THR B 48 -12.41 -7.38 1.02
C THR B 48 -13.61 -7.74 0.15
N GLU B 49 -13.34 -8.21 -1.07
CA GLU B 49 -14.39 -8.75 -1.91
C GLU B 49 -14.17 -10.25 -1.99
N THR B 50 -15.23 -11.02 -1.76
CA THR B 50 -15.10 -12.47 -1.66
C THR B 50 -16.19 -13.16 -2.46
N LYS B 51 -15.77 -14.06 -3.35
CA LYS B 51 -16.71 -14.89 -4.08
C LYS B 51 -16.60 -16.31 -3.59
N VAL B 52 -17.74 -16.95 -3.35
CA VAL B 52 -17.72 -18.34 -2.90
CA VAL B 52 -17.77 -18.33 -2.88
C VAL B 52 -18.51 -19.20 -3.89
N THR B 53 -17.98 -20.38 -4.16
CA THR B 53 -18.61 -21.32 -5.08
C THR B 53 -18.64 -22.72 -4.46
N PHE B 54 -19.84 -23.22 -4.18
CA PHE B 54 -20.03 -24.55 -3.62
C PHE B 54 -20.29 -25.52 -4.76
N ASP B 55 -19.41 -26.51 -4.93
CA ASP B 55 -19.53 -27.45 -6.02
C ASP B 55 -19.45 -28.88 -5.51
N PRO B 56 -20.48 -29.69 -5.80
CA PRO B 56 -20.56 -31.08 -5.36
C PRO B 56 -19.26 -31.87 -5.58
N ASP B 57 -18.47 -31.48 -6.58
CA ASP B 57 -17.27 -32.23 -6.93
C ASP B 57 -16.05 -31.90 -6.08
N PHE B 58 -16.07 -30.75 -5.39
CA PHE B 58 -14.94 -30.37 -4.54
C PHE B 58 -14.87 -31.27 -3.31
N THR B 59 -13.66 -31.68 -2.95
CA THR B 59 -13.46 -32.60 -1.84
C THR B 59 -12.93 -31.89 -0.60
N GLU B 60 -12.63 -30.59 -0.76
CA GLU B 60 -12.11 -29.79 0.34
C GLU B 60 -12.24 -28.32 -0.01
N ASP B 61 -12.17 -27.47 1.01
CA ASP B 61 -12.29 -26.03 0.78
C ASP B 61 -10.98 -25.44 0.32
N CYS B 62 -11.05 -24.51 -0.62
CA CYS B 62 -9.87 -23.91 -1.23
C CYS B 62 -9.99 -22.38 -1.19
N LEU B 63 -9.10 -21.73 -0.45
CA LEU B 63 -9.08 -20.27 -0.43
C LEU B 63 -8.00 -19.72 -1.34
N ILE B 64 -8.42 -18.96 -2.36
CA ILE B 64 -7.49 -18.20 -3.19
C ILE B 64 -7.56 -16.72 -2.82
N LEU B 65 -6.48 -16.20 -2.26
CA LEU B 65 -6.43 -14.83 -1.79
C LEU B 65 -5.53 -13.99 -2.69
N ASN B 66 -6.10 -12.94 -3.29
CA ASN B 66 -5.34 -12.10 -4.21
C ASN B 66 -4.59 -12.91 -5.27
N GLY B 67 -5.24 -13.96 -5.77
CA GLY B 67 -4.70 -14.74 -6.87
C GLY B 67 -3.79 -15.90 -6.47
N ASN B 68 -3.47 -15.97 -5.19
CA ASN B 68 -2.54 -17.00 -4.72
C ASN B 68 -3.16 -17.89 -3.65
N GLU B 69 -2.83 -19.17 -3.72
CA GLU B 69 -3.28 -20.11 -2.71
C GLU B 69 -2.67 -19.72 -1.38
N VAL B 70 -3.25 -20.20 -0.28
CA VAL B 70 -2.79 -19.79 1.04
C VAL B 70 -2.03 -20.90 1.78
N ASN B 71 -1.50 -20.57 2.95
CA ASN B 71 -0.66 -21.49 3.70
C ASN B 71 -1.44 -22.39 4.64
N ALA B 72 -0.76 -23.41 5.17
CA ALA B 72 -1.40 -24.44 5.99
C ALA B 72 -2.30 -23.90 7.10
N LYS B 73 -1.78 -22.97 7.90
CA LYS B 73 -2.53 -22.46 9.05
C LYS B 73 -3.89 -21.88 8.64
N GLU B 74 -3.89 -21.10 7.54
CA GLU B 74 -5.11 -20.49 7.04
C GLU B 74 -6.03 -21.50 6.39
N LYS B 75 -5.45 -22.46 5.68
CA LYS B 75 -6.24 -23.52 5.06
C LYS B 75 -7.08 -24.27 6.09
N GLU B 76 -6.44 -24.73 7.16
CA GLU B 76 -7.15 -25.44 8.22
C GLU B 76 -8.12 -24.47 8.89
N LYS B 77 -7.69 -23.23 9.04
CA LYS B 77 -8.54 -22.18 9.60
C LYS B 77 -9.84 -22.00 8.80
N ILE B 78 -9.73 -22.01 7.47
CA ILE B 78 -10.89 -21.81 6.61
C ILE B 78 -11.78 -23.05 6.55
N GLN B 79 -11.17 -24.22 6.70
CA GLN B 79 -11.94 -25.46 6.68
C GLN B 79 -12.77 -25.63 7.94
N ASN B 80 -12.23 -25.23 9.09
CA ASN B 80 -13.01 -25.26 10.31
C ASN B 80 -14.15 -24.26 10.24
N TYR B 81 -13.88 -23.10 9.64
CA TYR B 81 -14.92 -22.11 9.47
C TYR B 81 -16.01 -22.62 8.54
N MET B 82 -15.62 -23.20 7.42
CA MET B 82 -16.60 -23.71 6.46
C MET B 82 -17.43 -24.87 7.03
N ASN B 83 -16.85 -25.63 7.95
CA ASN B 83 -17.62 -26.66 8.66
C ASN B 83 -18.81 -26.05 9.40
N ILE B 84 -18.61 -24.86 9.96
CA ILE B 84 -19.69 -24.17 10.66
C ILE B 84 -20.79 -23.79 9.67
N VAL B 85 -20.37 -23.30 8.51
CA VAL B 85 -21.32 -22.94 7.47
C VAL B 85 -22.13 -24.16 7.00
N ARG B 86 -21.44 -25.25 6.73
CA ARG B 86 -22.12 -26.48 6.30
C ARG B 86 -23.15 -26.93 7.33
N ASP B 87 -22.75 -26.93 8.61
CA ASP B 87 -23.64 -27.32 9.68
C ASP B 87 -24.89 -26.45 9.75
N LEU B 88 -24.69 -25.15 9.58
CA LEU B 88 -25.79 -24.19 9.64
C LEU B 88 -26.69 -24.34 8.42
N ALA B 89 -26.10 -24.65 7.28
CA ALA B 89 -26.85 -24.76 6.04
C ALA B 89 -27.45 -26.16 5.86
N GLY B 90 -26.89 -27.12 6.59
CA GLY B 90 -27.33 -28.50 6.51
C GLY B 90 -26.99 -29.14 5.18
N ASN B 91 -25.73 -29.08 4.80
CA ASN B 91 -25.25 -29.73 3.57
C ASN B 91 -23.80 -30.14 3.76
N ARG B 92 -23.22 -30.78 2.75
CA ARG B 92 -21.85 -31.28 2.88
C ARG B 92 -20.93 -30.70 1.81
N LEU B 93 -21.42 -29.67 1.12
CA LEU B 93 -20.65 -29.02 0.05
C LEU B 93 -19.38 -28.33 0.53
N HIS B 94 -18.30 -28.50 -0.21
CA HIS B 94 -17.08 -27.74 -0.01
C HIS B 94 -17.04 -26.58 -0.99
N ALA B 95 -16.21 -25.58 -0.70
CA ALA B 95 -16.27 -24.33 -1.45
C ALA B 95 -14.91 -23.91 -1.97
N ARG B 96 -14.93 -23.33 -3.17
CA ARG B 96 -13.79 -22.62 -3.70
C ARG B 96 -14.04 -21.16 -3.33
N ILE B 97 -13.12 -20.57 -2.58
CA ILE B 97 -13.27 -19.19 -2.15
C ILE B 97 -12.24 -18.33 -2.85
N GLU B 98 -12.71 -17.29 -3.52
CA GLU B 98 -11.81 -16.37 -4.22
C GLU B 98 -11.97 -14.99 -3.59
N SER B 99 -10.96 -14.58 -2.85
CA SER B 99 -11.04 -13.34 -2.11
C SER B 99 -9.95 -12.36 -2.55
N GLU B 100 -10.28 -11.08 -2.53
CA GLU B 100 -9.36 -10.02 -2.89
C GLU B 100 -9.43 -8.93 -1.81
N ASN B 101 -8.28 -8.61 -1.22
CA ASN B 101 -8.19 -7.58 -0.20
C ASN B 101 -7.75 -6.27 -0.82
N TYR B 102 -8.61 -5.26 -0.73
CA TYR B 102 -8.30 -3.93 -1.25
C TYR B 102 -7.72 -3.06 -0.13
N VAL B 103 -6.42 -3.20 0.09
CA VAL B 103 -5.71 -2.42 1.10
C VAL B 103 -4.33 -2.05 0.57
N PRO B 104 -3.68 -1.06 1.18
CA PRO B 104 -2.29 -0.80 0.80
C PRO B 104 -1.43 -2.02 1.07
N THR B 105 -0.55 -2.35 0.13
CA THR B 105 0.25 -3.56 0.22
C THR B 105 1.36 -3.49 1.28
N ALA B 106 1.51 -4.55 2.07
CA ALA B 106 2.65 -4.69 2.96
C ALA B 106 2.81 -3.44 3.84
N ALA B 107 1.69 -2.99 4.38
CA ALA B 107 1.68 -1.79 5.21
C ALA B 107 1.11 -2.10 6.60
N GLY B 108 0.91 -3.38 6.88
CA GLY B 108 0.49 -3.82 8.21
C GLY B 108 -0.99 -3.61 8.48
N LEU B 109 -1.77 -3.46 7.43
CA LEU B 109 -3.20 -3.31 7.63
C LEU B 109 -3.83 -4.68 7.80
N ALA B 110 -4.71 -4.81 8.81
CA ALA B 110 -5.34 -6.09 9.09
C ALA B 110 -6.53 -6.31 8.16
N SER B 111 -6.86 -7.55 7.88
CA SER B 111 -8.01 -7.83 7.01
C SER B 111 -8.90 -8.98 7.52
N SER B 112 -8.73 -9.38 8.78
CA SER B 112 -9.57 -10.45 9.32
C SER B 112 -11.03 -10.04 9.43
N ALA B 113 -11.30 -8.86 9.93
CA ALA B 113 -12.68 -8.42 10.09
C ALA B 113 -13.38 -8.39 8.73
N SER B 114 -12.76 -7.76 7.74
CA SER B 114 -13.38 -7.64 6.43
C SER B 114 -13.44 -8.99 5.74
N ALA B 115 -12.42 -9.81 5.95
CA ALA B 115 -12.39 -11.10 5.28
C ALA B 115 -13.53 -12.00 5.73
N TYR B 116 -13.71 -12.15 7.04
CA TYR B 116 -14.75 -13.04 7.51
C TYR B 116 -16.17 -12.50 7.37
N ALA B 117 -16.33 -11.18 7.45
CA ALA B 117 -17.63 -10.59 7.23
C ALA B 117 -18.05 -10.83 5.77
N ALA B 118 -17.11 -10.68 4.85
CA ALA B 118 -17.45 -10.83 3.43
C ALA B 118 -17.76 -12.31 3.11
N LEU B 119 -16.98 -13.21 3.69
CA LEU B 119 -17.20 -14.65 3.49
C LEU B 119 -18.55 -15.10 4.03
N ALA B 120 -18.90 -14.62 5.22
CA ALA B 120 -20.20 -14.93 5.80
C ALA B 120 -21.33 -14.44 4.89
N ALA B 121 -21.23 -13.21 4.41
CA ALA B 121 -22.28 -12.65 3.58
C ALA B 121 -22.31 -13.37 2.22
N ALA B 122 -21.15 -13.76 1.70
CA ALA B 122 -21.13 -14.45 0.42
C ALA B 122 -21.80 -15.82 0.53
N CYS B 123 -21.51 -16.50 1.64
CA CYS B 123 -22.12 -17.79 1.94
C CYS B 123 -23.63 -17.64 2.15
N ASN B 124 -24.02 -16.58 2.88
CA ASN B 124 -25.44 -16.28 3.07
C ASN B 124 -26.18 -16.15 1.75
N GLU B 125 -25.52 -15.54 0.77
CA GLU B 125 -26.10 -15.34 -0.55
C GLU B 125 -26.06 -16.63 -1.37
N ALA B 126 -24.94 -17.33 -1.32
CA ALA B 126 -24.77 -18.55 -2.11
C ALA B 126 -25.78 -19.61 -1.70
N LEU B 127 -25.92 -19.82 -0.40
CA LEU B 127 -26.80 -20.88 0.11
C LEU B 127 -28.20 -20.36 0.47
N SER B 128 -28.52 -19.17 0.00
CA SER B 128 -29.85 -18.60 0.19
C SER B 128 -30.39 -18.76 1.61
N LEU B 129 -29.61 -18.35 2.61
CA LEU B 129 -30.03 -18.51 4.00
C LEU B 129 -30.90 -17.37 4.50
N ASN B 130 -30.88 -16.25 3.78
CA ASN B 130 -31.60 -15.05 4.21
C ASN B 130 -31.47 -14.80 5.71
N LEU B 131 -30.24 -14.88 6.22
CA LEU B 131 -29.97 -14.64 7.64
C LEU B 131 -30.22 -13.18 7.96
N SER B 132 -30.79 -12.92 9.13
CA SER B 132 -30.91 -11.56 9.65
C SER B 132 -29.52 -10.97 9.92
N ASP B 133 -29.43 -9.66 10.07
CA ASP B 133 -28.15 -9.04 10.39
C ASP B 133 -27.54 -9.65 11.65
N THR B 134 -28.38 -9.86 12.67
CA THR B 134 -27.93 -10.50 13.91
C THR B 134 -27.26 -11.84 13.68
N ASP B 135 -27.90 -12.71 12.92
CA ASP B 135 -27.35 -14.04 12.71
C ASP B 135 -26.17 -14.02 11.75
N LEU B 136 -26.16 -13.05 10.84
CA LEU B 136 -25.03 -12.86 9.94
C LEU B 136 -23.82 -12.42 10.77
N SER B 137 -24.06 -11.52 11.73
CA SER B 137 -23.03 -11.08 12.68
C SER B 137 -22.49 -12.24 13.50
N ARG B 138 -23.41 -13.05 14.05
CA ARG B 138 -23.04 -14.23 14.81
C ARG B 138 -22.20 -15.18 13.97
N LEU B 139 -22.53 -15.31 12.69
CA LEU B 139 -21.76 -16.18 11.82
C LEU B 139 -20.35 -15.62 11.56
N ALA B 140 -20.25 -14.34 11.26
CA ALA B 140 -18.93 -13.74 11.08
C ALA B 140 -18.08 -13.85 12.36
N ARG B 141 -18.72 -13.73 13.53
CA ARG B 141 -17.99 -13.76 14.80
C ARG B 141 -17.19 -15.05 14.96
N ARG B 142 -17.72 -16.16 14.47
CA ARG B 142 -17.05 -17.45 14.62
C ARG B 142 -15.75 -17.52 13.84
N GLY B 143 -15.60 -16.65 12.85
CA GLY B 143 -14.39 -16.62 12.05
C GLY B 143 -13.35 -15.67 12.65
N SER B 144 -13.82 -14.48 13.01
CA SER B 144 -12.98 -13.46 13.64
C SER B 144 -13.89 -12.59 14.48
N GLY B 145 -13.51 -12.32 15.73
CA GLY B 145 -14.34 -11.50 16.59
C GLY B 145 -14.71 -10.19 15.93
N SER B 146 -13.73 -9.49 15.42
CA SER B 146 -13.94 -8.16 14.86
C SER B 146 -14.84 -8.21 13.62
N ALA B 147 -14.87 -9.34 12.93
CA ALA B 147 -15.74 -9.48 11.75
C ALA B 147 -17.23 -9.32 12.07
N SER B 148 -17.63 -9.62 13.31
CA SER B 148 -19.02 -9.41 13.72
C SER B 148 -19.45 -7.98 13.49
N ARG B 149 -18.52 -7.05 13.63
CA ARG B 149 -18.84 -5.63 13.51
C ARG B 149 -18.86 -5.13 12.06
N SER B 150 -18.09 -5.78 11.17
CA SER B 150 -18.04 -5.36 9.77
C SER B 150 -19.30 -5.69 8.96
N ILE B 151 -20.25 -6.36 9.59
CA ILE B 151 -21.57 -6.54 8.99
C ILE B 151 -22.20 -5.18 8.83
N PHE B 152 -21.81 -4.24 9.69
CA PHE B 152 -22.42 -2.90 9.72
C PHE B 152 -21.49 -1.76 9.29
N GLY B 153 -22.10 -0.64 8.90
CA GLY B 153 -21.36 0.59 8.64
C GLY B 153 -21.33 1.53 9.83
N GLY B 154 -20.71 2.70 9.67
CA GLY B 154 -20.66 3.72 10.70
C GLY B 154 -20.18 3.16 12.03
N PHE B 155 -20.82 3.61 13.11
CA PHE B 155 -20.56 3.06 14.44
C PHE B 155 -21.30 1.73 14.63
N ALA B 156 -20.61 0.77 15.22
CA ALA B 156 -21.21 -0.53 15.51
C ALA B 156 -20.69 -0.97 16.87
N GLU B 157 -21.50 -1.73 17.60
CA GLU B 157 -21.12 -2.27 18.90
C GLU B 157 -21.29 -3.77 18.91
N TRP B 158 -20.26 -4.47 19.36
CA TRP B 158 -20.33 -5.90 19.57
C TRP B 158 -20.73 -6.12 21.03
N GLU B 159 -21.93 -6.65 21.24
CA GLU B 159 -22.40 -6.97 22.59
C GLU B 159 -21.84 -8.33 22.98
N LYS B 160 -21.14 -8.39 24.10
CA LYS B 160 -20.41 -9.62 24.42
C LYS B 160 -21.31 -10.84 24.62
N GLY B 161 -22.53 -10.62 25.09
CA GLY B 161 -23.42 -11.71 25.45
C GLY B 161 -22.74 -12.72 26.36
N HIS B 162 -23.19 -13.98 26.35
CA HIS B 162 -22.60 -14.99 27.21
C HIS B 162 -22.53 -16.35 26.53
N ASP B 163 -23.06 -16.42 25.31
CA ASP B 163 -23.00 -17.66 24.55
C ASP B 163 -23.10 -17.38 23.05
N ASP B 164 -23.10 -18.42 22.25
CA ASP B 164 -23.11 -18.27 20.79
C ASP B 164 -24.34 -17.50 20.33
N LEU B 165 -25.46 -17.68 21.02
CA LEU B 165 -26.70 -17.03 20.62
C LEU B 165 -26.74 -15.53 20.94
N THR B 166 -26.05 -15.12 22.00
CA THR B 166 -26.21 -13.76 22.51
C THR B 166 -25.04 -12.82 22.20
N SER B 167 -23.96 -13.36 21.65
CA SER B 167 -22.78 -12.56 21.32
C SER B 167 -22.79 -12.09 19.86
N TYR B 168 -23.05 -10.81 19.62
CA TYR B 168 -23.09 -10.29 18.26
C TYR B 168 -23.15 -8.78 18.24
N ALA B 169 -23.00 -8.21 17.04
CA ALA B 169 -22.95 -6.78 16.91
C ALA B 169 -24.23 -6.21 16.31
N HIS B 170 -24.40 -4.90 16.45
CA HIS B 170 -25.46 -4.16 15.79
C HIS B 170 -24.93 -2.81 15.35
N GLY B 171 -25.59 -2.22 14.36
CA GLY B 171 -25.19 -0.92 13.87
C GLY B 171 -25.81 0.16 14.74
N ILE B 172 -25.07 1.22 15.01
CA ILE B 172 -25.59 2.32 15.79
C ILE B 172 -25.91 3.47 14.86
N ASN B 173 -27.13 3.97 14.97
CA ASN B 173 -27.57 5.13 14.22
C ASN B 173 -27.09 6.36 14.96
N SER B 174 -26.26 7.16 14.32
CA SER B 174 -25.76 8.37 14.93
C SER B 174 -26.30 9.57 14.17
N ASN B 175 -27.48 9.41 13.57
CA ASN B 175 -28.07 10.45 12.73
C ASN B 175 -27.06 11.00 11.72
N GLY B 176 -26.33 10.10 11.07
CA GLY B 176 -25.43 10.49 10.00
C GLY B 176 -24.12 11.12 10.43
N TRP B 177 -23.84 11.10 11.74
CA TRP B 177 -22.61 11.69 12.25
C TRP B 177 -21.39 11.07 11.56
N GLU B 178 -21.46 9.81 11.20
CA GLU B 178 -20.31 9.16 10.59
C GLU B 178 -19.90 9.84 9.27
N LYS B 179 -20.85 10.50 8.63
CA LYS B 179 -20.54 11.22 7.39
C LYS B 179 -19.65 12.45 7.62
N ASP B 180 -19.50 12.84 8.88
CA ASP B 180 -18.67 14.00 9.24
C ASP B 180 -17.28 13.61 9.74
N LEU B 181 -17.00 12.30 9.83
CA LEU B 181 -15.74 11.85 10.41
C LEU B 181 -14.85 11.13 9.40
N SER B 182 -13.57 11.04 9.76
CA SER B 182 -12.53 10.48 8.90
C SER B 182 -11.48 9.84 9.79
N MET B 183 -10.59 9.06 9.19
CA MET B 183 -9.49 8.44 9.93
C MET B 183 -8.24 8.44 9.06
N ILE B 184 -7.15 8.94 9.63
CA ILE B 184 -5.88 9.00 8.94
C ILE B 184 -4.97 7.90 9.47
N PHE B 185 -4.47 7.06 8.58
CA PHE B 185 -3.55 6.00 8.96
C PHE B 185 -2.12 6.48 8.76
N VAL B 186 -1.30 6.31 9.78
CA VAL B 186 0.12 6.58 9.66
C VAL B 186 0.80 5.21 9.62
N VAL B 187 1.35 4.88 8.47
CA VAL B 187 1.98 3.57 8.27
C VAL B 187 3.35 3.58 8.91
N ILE B 188 3.57 2.65 9.84
CA ILE B 188 4.81 2.56 10.58
C ILE B 188 5.31 1.12 10.56
N ASN B 189 6.61 0.92 10.34
CA ASN B 189 7.19 -0.42 10.34
C ASN B 189 7.82 -0.76 11.69
N ASN B 190 7.75 -2.02 12.08
CA ASN B 190 8.54 -2.48 13.22
C ASN B 190 9.89 -2.98 12.71
N GLN B 191 10.65 -3.67 13.56
CA GLN B 191 11.99 -4.09 13.16
C GLN B 191 12.09 -5.60 13.02
N SER B 192 10.93 -6.23 12.83
CA SER B 192 10.84 -7.68 12.70
C SER B 192 10.72 -8.10 11.22
N LYS B 193 11.58 -9.00 10.77
CA LYS B 193 11.49 -9.46 9.39
C LYS B 193 10.23 -10.30 9.20
N LYS B 194 9.94 -11.12 10.19
CA LYS B 194 8.87 -12.11 10.11
C LYS B 194 8.10 -12.16 11.42
N VAL B 195 6.77 -12.15 11.33
CA VAL B 195 5.91 -12.17 12.52
C VAL B 195 6.06 -13.46 13.33
N SER B 199 -0.31 -15.44 19.60
CA SER B 199 -1.44 -14.57 19.92
C SER B 199 -1.20 -13.68 21.15
N GLY B 200 -0.98 -12.40 20.88
CA GLY B 200 -0.79 -11.41 21.93
C GLY B 200 -2.00 -11.32 22.82
N MET B 201 -3.18 -11.19 22.23
CA MET B 201 -4.41 -11.09 22.99
C MET B 201 -4.61 -12.21 24.02
N SER B 202 -4.30 -13.46 23.62
CA SER B 202 -4.45 -14.61 24.52
C SER B 202 -3.49 -14.59 25.68
N LEU B 203 -2.21 -14.33 25.38
CA LEU B 203 -1.20 -14.23 26.42
C LEU B 203 -1.61 -13.18 27.46
N THR B 204 -2.10 -12.05 26.99
CA THR B 204 -2.44 -10.96 27.90
C THR B 204 -3.67 -11.30 28.73
N ARG B 205 -4.72 -11.75 28.06
CA ARG B 205 -5.94 -12.18 28.76
C ARG B 205 -5.60 -13.21 29.85
N ASP B 206 -4.71 -14.14 29.53
CA ASP B 206 -4.44 -15.26 30.44
C ASP B 206 -3.43 -14.96 31.53
N THR B 207 -2.46 -14.08 31.24
CA THR B 207 -1.32 -13.91 32.14
C THR B 207 -1.07 -12.48 32.65
N SER B 208 -1.70 -11.48 32.07
CA SER B 208 -1.29 -10.10 32.38
C SER B 208 -1.69 -9.67 33.77
N ARG B 209 -0.69 -9.14 34.49
CA ARG B 209 -0.86 -8.61 35.84
C ARG B 209 -1.67 -7.31 35.84
N PHE B 210 -1.89 -6.73 34.68
CA PHE B 210 -2.69 -5.52 34.58
C PHE B 210 -4.05 -5.73 33.91
N TYR B 211 -4.39 -6.99 33.64
CA TYR B 211 -5.65 -7.26 32.93
C TYR B 211 -6.89 -6.88 33.74
N GLN B 212 -6.84 -7.05 35.05
CA GLN B 212 -7.97 -6.66 35.89
C GLN B 212 -8.22 -5.14 35.83
N TYR B 213 -7.16 -4.36 35.70
CA TYR B 213 -7.30 -2.92 35.52
C TYR B 213 -8.07 -2.61 34.22
N TRP B 214 -7.75 -3.33 33.15
CA TRP B 214 -8.50 -3.19 31.90
C TRP B 214 -9.99 -3.51 32.13
N LEU B 215 -10.29 -4.65 32.73
CA LEU B 215 -11.68 -5.04 32.99
C LEU B 215 -12.44 -4.05 33.87
N ASP B 216 -11.72 -3.38 34.77
CA ASP B 216 -12.36 -2.48 35.72
C ASP B 216 -12.86 -1.20 35.06
N HIS B 217 -12.24 -0.81 33.95
CA HIS B 217 -12.58 0.47 33.34
C HIS B 217 -13.31 0.37 32.02
N VAL B 218 -13.37 -0.83 31.46
CA VAL B 218 -13.87 -0.95 30.11
C VAL B 218 -15.34 -0.59 29.98
N ASP B 219 -16.21 -1.04 30.89
CA ASP B 219 -17.63 -0.74 30.77
C ASP B 219 -17.92 0.77 30.91
N GLU B 220 -17.21 1.42 31.82
CA GLU B 220 -17.34 2.87 31.95
C GLU B 220 -16.89 3.59 30.66
N ASP B 221 -15.80 3.12 30.06
CA ASP B 221 -15.31 3.72 28.83
C ASP B 221 -16.36 3.55 27.74
N LEU B 222 -16.86 2.32 27.63
CA LEU B 222 -17.88 2.00 26.64
C LEU B 222 -19.09 2.92 26.76
N ASN B 223 -19.59 3.09 27.98
CA ASN B 223 -20.76 3.94 28.18
C ASN B 223 -20.50 5.39 27.83
N GLU B 224 -19.32 5.89 28.21
CA GLU B 224 -18.96 7.27 27.93
C GLU B 224 -18.90 7.48 26.42
N ALA B 225 -18.33 6.50 25.71
CA ALA B 225 -18.22 6.60 24.26
C ALA B 225 -19.60 6.61 23.61
N LYS B 226 -20.48 5.72 24.06
CA LYS B 226 -21.82 5.65 23.46
C LYS B 226 -22.62 6.94 23.70
N GLU B 227 -22.44 7.54 24.87
CA GLU B 227 -23.10 8.81 25.18
C GLU B 227 -22.57 9.91 24.26
N ALA B 228 -21.27 9.89 24.00
CA ALA B 228 -20.66 10.87 23.12
C ALA B 228 -21.22 10.75 21.71
N VAL B 229 -21.41 9.50 21.26
CA VAL B 229 -21.96 9.27 19.93
C VAL B 229 -23.41 9.79 19.85
N LYS B 230 -24.18 9.58 20.92
CA LYS B 230 -25.57 10.07 20.97
C LYS B 230 -25.63 11.59 20.83
N ASN B 231 -24.67 12.27 21.45
CA ASN B 231 -24.64 13.72 21.42
C ASN B 231 -23.76 14.27 20.29
N GLN B 232 -23.17 13.38 19.51
CA GLN B 232 -22.26 13.82 18.45
C GLN B 232 -21.19 14.75 19.03
N ASP B 233 -20.62 14.33 20.16
CA ASP B 233 -19.61 15.11 20.89
C ASP B 233 -18.21 14.57 20.57
N PHE B 234 -17.52 15.18 19.61
CA PHE B 234 -16.25 14.67 19.15
C PHE B 234 -15.17 14.61 20.23
N GLN B 235 -14.99 15.70 20.97
CA GLN B 235 -13.95 15.73 21.98
C GLN B 235 -14.17 14.66 23.04
N ARG B 236 -15.41 14.55 23.48
CA ARG B 236 -15.76 13.60 24.51
C ARG B 236 -15.51 12.18 24.03
N LEU B 237 -15.86 11.91 22.77
CA LEU B 237 -15.63 10.59 22.20
C LEU B 237 -14.13 10.35 22.12
N GLY B 238 -13.42 11.32 21.54
CA GLY B 238 -11.98 11.25 21.35
C GLY B 238 -11.19 10.95 22.61
N GLU B 239 -11.46 11.68 23.68
CA GLU B 239 -10.71 11.52 24.93
C GLU B 239 -10.88 10.13 25.54
N VAL B 240 -12.10 9.60 25.53
CA VAL B 240 -12.30 8.28 26.13
C VAL B 240 -11.72 7.15 25.29
N ILE B 241 -11.83 7.23 23.96
CA ILE B 241 -11.28 6.15 23.14
C ILE B 241 -9.75 6.15 23.13
N GLU B 242 -9.15 7.34 23.22
CA GLU B 242 -7.68 7.39 23.21
C GLU B 242 -7.14 6.76 24.49
N ALA B 243 -7.77 7.08 25.61
CA ALA B 243 -7.38 6.51 26.90
C ALA B 243 -7.64 4.99 26.91
N ASN B 244 -8.79 4.57 26.41
CA ASN B 244 -9.09 3.14 26.35
C ASN B 244 -8.04 2.37 25.55
N GLY B 245 -7.73 2.87 24.36
CA GLY B 245 -6.71 2.23 23.53
C GLY B 245 -5.37 2.12 24.23
N LEU B 246 -4.93 3.19 24.89
CA LEU B 246 -3.67 3.14 25.61
C LEU B 246 -3.71 2.12 26.78
N ARG B 247 -4.86 1.97 27.43
CA ARG B 247 -4.98 1.01 28.54
C ARG B 247 -4.82 -0.42 28.00
N MET B 248 -5.30 -0.63 26.79
CA MET B 248 -5.15 -1.92 26.11
C MET B 248 -3.66 -2.26 25.94
N HIS B 249 -2.90 -1.31 25.41
CA HIS B 249 -1.46 -1.54 25.28
C HIS B 249 -0.77 -1.72 26.63
N ALA B 250 -1.24 -1.00 27.64
CA ALA B 250 -0.73 -1.20 29.00
C ALA B 250 -0.87 -2.63 29.49
N THR B 251 -1.99 -3.28 29.18
CA THR B 251 -2.16 -4.66 29.64
C THR B 251 -1.06 -5.56 29.09
N ASN B 252 -0.55 -5.23 27.90
CA ASN B 252 0.49 -6.06 27.28
C ASN B 252 1.82 -5.95 28.01
N LEU B 253 2.07 -4.76 28.54
CA LEU B 253 3.24 -4.53 29.38
C LEU B 253 3.21 -5.45 30.62
N GLY B 254 2.02 -5.84 31.06
CA GLY B 254 1.92 -6.68 32.25
C GLY B 254 1.90 -8.18 31.98
N ALA B 255 1.92 -8.57 30.70
CA ALA B 255 1.87 -9.97 30.30
C ALA B 255 3.13 -10.72 30.74
N GLN B 256 3.05 -12.04 30.77
CA GLN B 256 4.14 -12.87 31.24
C GLN B 256 4.72 -13.72 30.10
N PRO B 257 5.83 -13.28 29.48
CA PRO B 257 6.56 -12.03 29.75
C PRO B 257 5.97 -10.87 28.96
N PRO B 258 6.42 -9.63 29.24
CA PRO B 258 5.80 -8.47 28.59
C PRO B 258 6.07 -8.32 27.09
N PHE B 259 5.22 -7.56 26.42
CA PHE B 259 5.44 -7.23 25.01
C PHE B 259 4.75 -5.91 24.64
N THR B 260 5.11 -5.37 23.48
CA THR B 260 4.47 -4.16 22.97
C THR B 260 4.35 -4.25 21.47
N TYR B 261 3.30 -3.63 20.93
CA TYR B 261 3.13 -3.52 19.49
C TYR B 261 3.71 -2.21 18.97
N LEU B 262 4.06 -1.31 19.88
CA LEU B 262 4.44 0.06 19.53
C LEU B 262 5.95 0.20 19.37
N VAL B 263 6.37 1.04 18.42
CA VAL B 263 7.79 1.37 18.26
C VAL B 263 7.96 2.88 18.40
N GLN B 264 9.20 3.37 18.43
CA GLN B 264 9.38 4.80 18.66
C GLN B 264 8.56 5.67 17.71
N GLU B 265 8.54 5.30 16.43
CA GLU B 265 7.84 6.14 15.47
C GLU B 265 6.35 6.23 15.76
N SER B 266 5.77 5.17 16.35
CA SER B 266 4.37 5.23 16.79
C SER B 266 4.22 6.38 17.77
N TYR B 267 5.14 6.47 18.73
CA TYR B 267 5.07 7.56 19.70
C TYR B 267 5.29 8.93 19.04
N ASP B 268 6.17 8.99 18.04
CA ASP B 268 6.34 10.24 17.29
C ASP B 268 5.01 10.70 16.66
N ALA B 269 4.25 9.75 16.12
CA ALA B 269 2.94 10.06 15.55
C ALA B 269 1.96 10.57 16.60
N MET B 270 1.99 9.99 17.79
CA MET B 270 1.04 10.37 18.84
C MET B 270 1.32 11.80 19.28
N ALA B 271 2.59 12.17 19.27
CA ALA B 271 2.98 13.50 19.70
C ALA B 271 2.44 14.55 18.73
N ILE B 272 2.40 14.20 17.45
CA ILE B 272 1.84 15.11 16.45
C ILE B 272 0.34 15.29 16.68
N VAL B 273 -0.34 14.20 17.03
CA VAL B 273 -1.76 14.31 17.38
C VAL B 273 -1.95 15.32 18.51
N GLU B 274 -1.14 15.21 19.55
CA GLU B 274 -1.26 16.14 20.67
C GLU B 274 -0.98 17.57 20.23
N GLN B 275 -0.02 17.75 19.34
CA GLN B 275 0.27 19.10 18.85
C GLN B 275 -0.87 19.67 17.99
N CYS B 276 -1.53 18.81 17.22
CA CYS B 276 -2.69 19.25 16.43
C CYS B 276 -3.79 19.77 17.34
N ARG B 277 -4.02 19.04 18.43
CA ARG B 277 -5.02 19.43 19.40
C ARG B 277 -4.66 20.80 19.98
N LYS B 278 -3.38 21.03 20.25
CA LYS B 278 -2.95 22.31 20.81
C LYS B 278 -3.17 23.44 19.79
N ALA B 279 -3.14 23.08 18.52
CA ALA B 279 -3.34 24.03 17.43
C ALA B 279 -4.79 24.12 16.95
N ASN B 280 -5.74 23.85 17.84
CA ASN B 280 -7.16 23.91 17.49
C ASN B 280 -7.54 22.97 16.36
N LEU B 281 -6.94 21.78 16.32
CA LEU B 281 -7.30 20.76 15.32
C LEU B 281 -7.58 19.45 16.04
N PRO B 282 -8.78 19.32 16.62
CA PRO B 282 -9.10 18.14 17.44
C PRO B 282 -8.90 16.85 16.65
N CYS B 283 -8.16 15.91 17.24
CA CYS B 283 -8.05 14.57 16.68
C CYS B 283 -7.49 13.66 17.76
N TYR B 284 -7.67 12.35 17.59
CA TYR B 284 -7.35 11.40 18.65
C TYR B 284 -6.82 10.15 18.00
N PHE B 285 -5.89 9.46 18.67
CA PHE B 285 -5.26 8.30 18.06
C PHE B 285 -5.66 6.97 18.69
N THR B 286 -5.42 5.90 17.94
CA THR B 286 -5.57 4.57 18.47
C THR B 286 -4.64 3.62 17.70
N MET B 287 -4.30 2.51 18.34
CA MET B 287 -3.40 1.54 17.74
C MET B 287 -3.97 0.16 18.03
N ASP B 288 -3.74 -0.77 17.10
CA ASP B 288 -4.18 -2.14 17.29
C ASP B 288 -2.97 -3.05 17.47
N ALA B 289 -3.03 -4.26 16.89
CA ALA B 289 -1.97 -5.26 17.07
C ALA B 289 -0.76 -5.00 16.16
N GLY B 290 -0.22 -3.80 16.23
CA GLY B 290 0.88 -3.40 15.38
C GLY B 290 1.18 -1.93 15.63
N PRO B 291 2.23 -1.40 15.00
CA PRO B 291 2.74 -0.06 15.31
C PRO B 291 2.04 1.07 14.54
N ASN B 292 1.18 0.74 13.57
CA ASN B 292 0.45 1.78 12.84
C ASN B 292 -0.35 2.67 13.79
N VAL B 293 -0.39 3.97 13.50
CA VAL B 293 -1.19 4.88 14.33
C VAL B 293 -2.39 5.35 13.51
N LYS B 294 -3.59 5.22 14.08
CA LYS B 294 -4.82 5.59 13.41
C LYS B 294 -5.40 6.81 14.08
N VAL B 295 -5.67 7.83 13.28
CA VAL B 295 -6.05 9.11 13.86
C VAL B 295 -7.50 9.47 13.48
N LEU B 296 -8.38 9.49 14.48
CA LEU B 296 -9.76 9.89 14.25
C LEU B 296 -9.82 11.42 14.18
N VAL B 297 -10.45 11.94 13.14
CA VAL B 297 -10.49 13.39 12.93
C VAL B 297 -11.81 13.76 12.23
N GLU B 298 -12.33 14.96 12.51
CA GLU B 298 -13.48 15.46 11.76
C GLU B 298 -13.11 15.81 10.33
N LYS B 299 -14.00 15.49 9.38
CA LYS B 299 -13.75 15.83 7.98
C LYS B 299 -13.32 17.27 7.76
N LYS B 300 -13.88 18.20 8.51
CA LYS B 300 -13.55 19.60 8.29
C LYS B 300 -12.08 19.88 8.57
N ASN B 301 -11.46 19.01 9.36
CA ASN B 301 -10.06 19.22 9.76
C ASN B 301 -9.11 18.18 9.20
N LYS B 302 -9.62 17.27 8.37
CA LYS B 302 -8.81 16.18 7.85
C LYS B 302 -7.56 16.67 7.11
N GLN B 303 -7.76 17.57 6.15
CA GLN B 303 -6.65 18.09 5.37
C GLN B 303 -5.60 18.76 6.24
N ALA B 304 -6.02 19.65 7.13
CA ALA B 304 -5.09 20.36 8.00
C ALA B 304 -4.26 19.42 8.87
N VAL B 305 -4.90 18.37 9.40
CA VAL B 305 -4.17 17.41 10.21
C VAL B 305 -3.15 16.66 9.33
N MET B 306 -3.57 16.26 8.13
CA MET B 306 -2.65 15.61 7.23
C MET B 306 -1.43 16.48 6.91
N GLU B 307 -1.66 17.78 6.71
CA GLU B 307 -0.56 18.71 6.47
C GLU B 307 0.42 18.70 7.64
N GLN B 308 -0.11 18.64 8.86
CA GLN B 308 0.77 18.59 10.04
C GLN B 308 1.59 17.31 10.05
N PHE B 309 0.99 16.19 9.68
CA PHE B 309 1.77 14.95 9.61
C PHE B 309 2.82 14.97 8.50
N LEU B 310 2.50 15.62 7.39
CA LEU B 310 3.40 15.67 6.24
C LEU B 310 4.66 16.50 6.50
N LYS B 311 4.65 17.27 7.58
CA LYS B 311 5.85 18.02 7.99
C LYS B 311 6.94 17.08 8.46
N VAL B 312 6.57 15.87 8.85
CA VAL B 312 7.53 14.95 9.46
C VAL B 312 7.52 13.59 8.75
N PHE B 313 6.33 13.12 8.38
CA PHE B 313 6.18 11.81 7.77
C PHE B 313 6.07 11.90 6.25
N ASP B 314 6.52 10.86 5.58
CA ASP B 314 6.51 10.81 4.12
C ASP B 314 5.07 10.68 3.60
N GLU B 315 4.80 11.32 2.47
CA GLU B 315 3.47 11.30 1.87
C GLU B 315 2.97 9.87 1.64
N SER B 316 3.88 8.97 1.32
CA SER B 316 3.51 7.59 1.03
C SER B 316 3.02 6.83 2.26
N LYS B 317 3.25 7.40 3.44
CA LYS B 317 2.90 6.71 4.68
C LYS B 317 1.69 7.31 5.38
N ILE B 318 1.07 8.31 4.76
CA ILE B 318 -0.10 8.96 5.35
C ILE B 318 -1.31 8.68 4.47
N ILE B 319 -2.25 7.88 4.97
CA ILE B 319 -3.35 7.38 4.15
C ILE B 319 -4.69 7.64 4.84
N ALA B 320 -5.55 8.43 4.21
CA ALA B 320 -6.82 8.79 4.82
C ALA B 320 -7.99 7.98 4.30
N SER B 321 -8.93 7.67 5.20
CA SER B 321 -10.16 6.99 4.82
C SER B 321 -11.36 7.67 5.47
N ASP B 322 -12.46 7.75 4.74
CA ASP B 322 -13.71 8.20 5.31
C ASP B 322 -14.31 7.05 6.07
N ILE B 323 -15.35 7.35 6.84
CA ILE B 323 -16.12 6.33 7.53
C ILE B 323 -17.37 6.09 6.70
N ILE B 324 -17.58 4.83 6.34
CA ILE B 324 -18.65 4.47 5.44
C ILE B 324 -19.96 4.27 6.22
N SER B 325 -21.08 4.63 5.59
CA SER B 325 -22.38 4.57 6.26
C SER B 325 -23.05 3.21 6.09
N SER B 326 -22.86 2.61 4.92
CA SER B 326 -23.52 1.35 4.60
C SER B 326 -22.74 0.15 5.14
N GLY B 327 -23.41 -1.00 5.24
CA GLY B 327 -22.78 -2.19 5.77
C GLY B 327 -22.34 -3.19 4.70
N VAL B 328 -22.30 -4.45 5.09
CA VAL B 328 -21.85 -5.49 4.17
C VAL B 328 -22.81 -5.49 2.98
N GLU B 329 -22.30 -5.84 1.81
CA GLU B 329 -23.07 -5.64 0.59
C GLU B 329 -22.90 -6.80 -0.37
N ILE B 330 -24.01 -7.27 -0.94
CA ILE B 330 -23.96 -8.30 -1.97
C ILE B 330 -23.55 -7.68 -3.29
N ILE B 331 -22.57 -8.28 -3.95
CA ILE B 331 -22.12 -7.83 -5.26
C ILE B 331 -22.79 -8.65 -6.34
#